data_3LZ1
#
_entry.id   3LZ1
#
_cell.length_a   107.370
_cell.length_b   109.660
_cell.length_c   175.750
_cell.angle_alpha   90.000
_cell.angle_beta   90.000
_cell.angle_gamma   90.000
#
_symmetry.space_group_name_H-M   'P 21 21 21'
#
loop_
_entity.id
_entity.type
_entity.pdbx_description
1 polymer 'Histone H3.2'
2 polymer 'Histone H4'
3 polymer 'Histone H2A'
4 polymer 'Histone H2B 1.1'
5 polymer 'DNA (145-MER)'
6 polymer 'DNA (145-MER)'
7 non-polymer 'MANGANESE (II) ION'
8 non-polymer 'CHLORIDE ION'
#
loop_
_entity_poly.entity_id
_entity_poly.type
_entity_poly.pdbx_seq_one_letter_code
_entity_poly.pdbx_strand_id
1 'polypeptide(L)'
;ARTKQTARKSTGGKAPRKQLATKAARKSAPATGGVKKPHRYRPGTVALREIRRYQKSTELLIRKLPFQRLVREIAQDFKT
DLRFQSSAVMALQEASEAYLVALFEDTNLCAIHAKRVTIMPKDIQLARRIRGERA
;
A,E
2 'polypeptide(L)'
;SGRGKGGKGLGKGGAKRHRKVLRDNIQGITKPAIRRLARRGGVKRISGLIYEETRGVLKVFLENVIRDAVTYTEHAKRKT
VTAMDVVYALKRQGRTLYGFGG
;
B,F
3 'polypeptide(L)'
;SGRGKQGGKTRAKAKTRSSRAGLQFPVGRVHRLLRKGNYAERVGAGAPVYLAAVLEYLTAEILELAGNAARDNKKTRIIP
RHLQLAVRNDEELNKLLGRVTIAQGGVLPNIQSVLLPKK
;
C,G
4 'polypeptide(L)'
;PEPAKSAPAPKKGSKKAVTKTQKKDGKKRRKTRKESYAIYVYKVLKQVHPDTGISSKAMSIMNSFVNDVFERIAGEASRL
AHYNKRSTITSREIQTAVRLLLPGELAKHAVSEGTKAVTKYTSAK
;
D,H
5 'polydeoxyribonucleotide'
;(DA)(DT)(DC)(DG)(DA)(DT)(DG)(DT)(DA)(DT)(DA)(DT)(DA)(DT)(DC)(DT)(DG)(DA)(DC)(DA)
(DC)(DG)(DT)(DG)(DC)(DC)(DT)(DG)(DG)(DA)(DG)(DA)(DC)(DT)(DA)(DG)(DG)(DG)(DA)(DG)
(DT)(DA)(DA)(DT)(DC)(DC)(DC)(DC)(DT)(DT)(DG)(DG)(DC)(DG)(DG)(DT)(DT)(DA)(DA)(DA)
(DA)(DC)(DG)(DC)(DG)(DG)(DG)(DG)(DG)(DA)(DC)(DA)(DG)(DC)(DG)(DC)(DG)(DT)(DA)(DC)
(DG)(DT)(DG)(DC)(DG)(DT)(DT)(DT)(DA)(DA)(DG)(DC)(DG)(DG)(DT)(DG)(DC)(DT)(DA)(DG)
(DA)(DG)(DC)(DT)(DG)(DT)(DC)(DT)(DA)(DC)(DG)(DA)(DC)(DC)(DA)(DA)(DT)(DT)(DG)(DA)
(DG)(DC)(DG)(DG)(DC)(DC)(DT)(DC)(DG)(DG)(DC)(DA)(DC)(DC)(DG)(DG)(DG)(DA)(DT)(DT)
(DC)(DT)(DG)(DA)(DT)
;
I
6 'polydeoxyribonucleotide'
;(DA)(DT)(DC)(DA)(DG)(DA)(DA)(DT)(DC)(DC)(DC)(DG)(DG)(DT)(DG)(DC)(DC)(DG)(DA)(DG)
(DG)(DC)(DC)(DG)(DC)(DT)(DC)(DA)(DA)(DT)(DT)(DG)(DG)(DT)(DC)(DG)(DT)(DA)(DG)(DA)
(DC)(DA)(DG)(DC)(DT)(DC)(DT)(DA)(DG)(DC)(DA)(DC)(DC)(DG)(DC)(DT)(DT)(DA)(DA)(DA)
(DC)(DG)(DC)(DA)(DC)(DG)(DT)(DA)(DC)(DG)(DC)(DG)(DC)(DT)(DG)(DT)(DC)(DC)(DC)(DC)
(DC)(DG)(DC)(DG)(DT)(DT)(DT)(DT)(DA)(DA)(DC)(DC)(DG)(DC)(DC)(DA)(DA)(DG)(DG)(DG)
(DG)(DA)(DT)(DT)(DA)(DC)(DT)(DC)(DC)(DC)(DT)(DA)(DG)(DT)(DC)(DT)(DC)(DC)(DA)(DG)
(DG)(DC)(DA)(DC)(DG)(DT)(DG)(DT)(DC)(DA)(DG)(DA)(DT)(DA)(DT)(DA)(DT)(DA)(DC)(DA)
(DT)(DC)(DG)(DA)(DT)
;
J
#
loop_
_chem_comp.id
_chem_comp.type
_chem_comp.name
_chem_comp.formula
CL non-polymer 'CHLORIDE ION' 'Cl -1'
DA DNA linking 2'-DEOXYADENOSINE-5'-MONOPHOSPHATE 'C10 H14 N5 O6 P'
DC DNA linking 2'-DEOXYCYTIDINE-5'-MONOPHOSPHATE 'C9 H14 N3 O7 P'
DG DNA linking 2'-DEOXYGUANOSINE-5'-MONOPHOSPHATE 'C10 H14 N5 O7 P'
DT DNA linking THYMIDINE-5'-MONOPHOSPHATE 'C10 H15 N2 O8 P'
MN non-polymer 'MANGANESE (II) ION' 'Mn 2'
#
# COMPACT_ATOMS: atom_id res chain seq x y z
N PRO A 38 1.66 29.46 -47.44
CA PRO A 38 2.50 29.08 -46.29
C PRO A 38 2.50 27.56 -46.00
N HIS A 39 2.67 27.20 -44.72
CA HIS A 39 2.80 25.80 -44.32
C HIS A 39 1.99 25.45 -43.06
N ARG A 40 1.54 24.20 -43.00
CA ARG A 40 0.65 23.73 -41.93
C ARG A 40 0.82 22.23 -41.67
N TYR A 41 1.34 21.89 -40.49
CA TYR A 41 1.43 20.50 -40.05
C TYR A 41 0.05 19.91 -39.84
N ARG A 42 -0.12 18.69 -40.34
CA ARG A 42 -1.37 17.95 -40.23
C ARG A 42 -1.70 17.64 -38.76
N PRO A 43 -3.00 17.43 -38.44
CA PRO A 43 -3.38 17.22 -37.05
C PRO A 43 -2.81 15.93 -36.49
N GLY A 44 -2.25 16.04 -35.28
CA GLY A 44 -1.66 14.92 -34.56
C GLY A 44 -0.17 14.83 -34.79
N THR A 45 0.35 15.74 -35.60
CA THR A 45 1.73 15.69 -36.02
C THR A 45 2.55 16.40 -34.95
N VAL A 46 2.00 17.47 -34.42
CA VAL A 46 2.72 18.24 -33.39
C VAL A 46 2.53 17.58 -32.02
N ALA A 47 1.42 16.87 -31.85
CA ALA A 47 1.17 16.12 -30.63
C ALA A 47 2.32 15.15 -30.41
N LEU A 48 2.49 14.25 -31.39
CA LEU A 48 3.57 13.28 -31.45
C LEU A 48 4.94 13.91 -31.24
N ARG A 49 5.15 15.10 -31.78
CA ARG A 49 6.41 15.78 -31.58
C ARG A 49 6.56 16.12 -30.11
N GLU A 50 5.55 16.81 -29.56
CA GLU A 50 5.58 17.28 -28.18
C GLU A 50 5.75 16.13 -27.18
N ILE A 51 5.06 15.01 -27.43
CA ILE A 51 5.23 13.81 -26.62
C ILE A 51 6.71 13.52 -26.55
N ARG A 52 7.36 13.39 -27.69
CA ARG A 52 8.78 13.08 -27.72
C ARG A 52 9.60 14.14 -27.02
N ARG A 53 9.19 15.40 -27.13
CA ARG A 53 9.89 16.45 -26.41
C ARG A 53 9.85 16.13 -24.92
N TYR A 54 8.64 16.12 -24.36
CA TYR A 54 8.47 16.08 -22.91
C TYR A 54 8.87 14.74 -22.29
N GLN A 55 8.90 13.69 -23.10
CA GLN A 55 9.45 12.41 -22.66
C GLN A 55 11.00 12.37 -22.63
N LYS A 56 11.68 13.28 -23.32
CA LYS A 56 13.14 13.38 -23.20
C LYS A 56 13.55 14.11 -21.93
N SER A 57 12.78 15.14 -21.54
CA SER A 57 13.15 15.96 -20.41
C SER A 57 12.48 15.52 -19.10
N THR A 58 12.84 16.24 -18.03
CA THR A 58 12.51 15.90 -16.65
C THR A 58 12.05 17.13 -15.86
N GLU A 59 12.17 18.30 -16.50
CA GLU A 59 11.79 19.59 -15.90
C GLU A 59 10.29 19.66 -15.78
N LEU A 60 9.84 20.33 -14.71
CA LEU A 60 8.43 20.39 -14.31
C LEU A 60 7.58 21.08 -15.34
N LEU A 61 6.33 20.65 -15.44
CA LEU A 61 5.50 21.08 -16.55
C LEU A 61 4.51 22.16 -16.18
N ILE A 62 4.04 22.10 -14.94
CA ILE A 62 3.21 23.13 -14.36
C ILE A 62 4.12 24.30 -14.02
N ARG A 63 3.61 25.51 -14.09
CA ARG A 63 4.44 26.66 -13.78
C ARG A 63 4.53 26.82 -12.30
N LYS A 64 5.65 27.42 -11.88
CA LYS A 64 6.14 27.30 -10.51
C LYS A 64 5.26 28.10 -9.59
N LEU A 65 4.79 29.22 -10.12
CA LEU A 65 4.17 30.25 -9.32
C LEU A 65 2.71 29.95 -9.10
N PRO A 66 1.92 29.81 -10.18
CA PRO A 66 0.56 29.29 -10.05
C PRO A 66 0.50 28.11 -9.08
N PHE A 67 1.41 27.16 -9.22
CA PHE A 67 1.43 26.00 -8.35
C PHE A 67 1.42 26.37 -6.87
N GLN A 68 2.29 27.32 -6.50
CA GLN A 68 2.50 27.67 -5.11
C GLN A 68 1.21 28.28 -4.60
N ARG A 69 0.74 29.32 -5.29
CA ARG A 69 -0.52 29.95 -4.96
C ARG A 69 -1.59 28.91 -4.64
N LEU A 70 -1.72 27.92 -5.50
CA LEU A 70 -2.71 26.86 -5.29
C LEU A 70 -2.50 26.18 -3.94
N VAL A 71 -1.30 25.65 -3.73
CA VAL A 71 -0.96 24.92 -2.50
C VAL A 71 -1.21 25.77 -1.26
N ARG A 72 -0.77 27.03 -1.27
CA ARG A 72 -1.10 27.92 -0.13
C ARG A 72 -2.61 28.01 0.16
N GLU A 73 -3.40 28.29 -0.88
CA GLU A 73 -4.85 28.25 -0.75
C GLU A 73 -5.29 26.98 -0.01
N ILE A 74 -5.32 25.84 -0.68
CA ILE A 74 -5.75 24.57 -0.05
C ILE A 74 -5.28 24.40 1.41
N ALA A 75 -4.06 24.81 1.71
CA ALA A 75 -3.50 24.62 3.05
C ALA A 75 -4.08 25.60 4.03
N GLN A 76 -4.31 26.82 3.59
CA GLN A 76 -4.93 27.89 4.37
C GLN A 76 -6.29 27.43 4.88
N ASP A 77 -7.09 26.90 3.95
CA ASP A 77 -8.40 26.32 4.22
C ASP A 77 -8.36 25.03 5.07
N PHE A 78 -7.22 24.73 5.66
CA PHE A 78 -7.06 23.60 6.60
C PHE A 78 -6.57 24.16 7.92
N LYS A 79 -5.67 25.12 7.82
CA LYS A 79 -5.15 25.85 8.95
C LYS A 79 -4.57 27.13 8.40
N THR A 80 -4.91 28.22 9.06
CA THR A 80 -4.46 29.53 8.66
C THR A 80 -3.05 29.67 9.16
N ASP A 81 -2.36 30.70 8.67
CA ASP A 81 -1.09 31.14 9.23
C ASP A 81 0.01 30.08 9.13
N LEU A 82 0.05 29.39 7.97
CA LEU A 82 1.09 28.41 7.65
C LEU A 82 2.10 28.99 6.68
N ARG A 83 3.38 28.71 6.95
CA ARG A 83 4.47 29.02 6.01
C ARG A 83 5.04 27.74 5.37
N PHE A 84 5.71 27.88 4.23
CA PHE A 84 6.35 26.73 3.56
C PHE A 84 7.84 26.90 3.28
N GLN A 85 8.65 25.94 3.71
CA GLN A 85 9.97 25.70 3.12
C GLN A 85 9.88 25.62 1.59
N SER A 86 10.66 26.42 0.88
CA SER A 86 10.49 26.52 -0.56
C SER A 86 10.61 25.15 -1.20
N SER A 87 11.48 24.31 -0.65
CA SER A 87 11.65 22.93 -1.08
C SER A 87 10.41 22.03 -0.82
N ALA A 88 9.54 22.46 0.09
CA ALA A 88 8.34 21.67 0.45
C ALA A 88 7.26 21.88 -0.60
N VAL A 89 7.20 23.09 -1.18
CA VAL A 89 6.33 23.31 -2.32
C VAL A 89 6.85 22.35 -3.37
N MET A 90 8.12 22.56 -3.73
CA MET A 90 8.81 21.74 -4.74
C MET A 90 8.63 20.23 -4.55
N ALA A 91 8.49 19.78 -3.32
CA ALA A 91 8.24 18.36 -3.06
C ALA A 91 6.84 17.96 -3.53
N LEU A 92 5.81 18.62 -3.01
CA LEU A 92 4.44 18.48 -3.47
C LEU A 92 4.26 18.57 -4.97
N GLN A 93 4.96 19.49 -5.63
CA GLN A 93 4.85 19.59 -7.09
C GLN A 93 5.43 18.36 -7.78
N GLU A 94 6.66 18.00 -7.41
CA GLU A 94 7.28 16.79 -7.90
C GLU A 94 6.32 15.62 -7.73
N ALA A 95 5.67 15.55 -6.60
CA ALA A 95 4.83 14.42 -6.29
C ALA A 95 3.55 14.50 -7.11
N SER A 96 3.13 15.73 -7.42
CA SER A 96 1.84 15.97 -8.07
C SER A 96 1.89 15.57 -9.53
N GLU A 97 2.89 16.13 -10.22
CA GLU A 97 3.15 15.85 -11.62
C GLU A 97 3.39 14.35 -11.86
N ALA A 98 4.39 13.75 -11.23
CA ALA A 98 4.53 12.29 -11.30
C ALA A 98 3.18 11.55 -11.35
N TYR A 99 2.25 11.99 -10.50
CA TYR A 99 0.98 11.32 -10.29
C TYR A 99 0.09 11.49 -11.48
N LEU A 100 0.12 12.69 -12.03
CA LEU A 100 -0.80 13.05 -13.08
C LEU A 100 -0.24 12.51 -14.35
N VAL A 101 1.07 12.46 -14.43
CA VAL A 101 1.68 11.85 -15.60
C VAL A 101 1.44 10.34 -15.54
N ALA A 102 1.53 9.76 -14.35
CA ALA A 102 1.20 8.34 -14.20
C ALA A 102 -0.27 8.19 -14.57
N LEU A 103 -1.11 9.11 -14.11
CA LEU A 103 -2.53 9.13 -14.44
C LEU A 103 -2.88 9.16 -15.93
N PHE A 104 -2.43 10.21 -16.62
CA PHE A 104 -2.56 10.27 -18.04
C PHE A 104 -2.15 8.95 -18.70
N GLU A 105 -0.97 8.41 -18.35
CA GLU A 105 -0.58 7.07 -18.77
C GLU A 105 -1.77 6.09 -18.77
N ASP A 106 -2.34 5.85 -17.59
CA ASP A 106 -3.38 4.85 -17.43
C ASP A 106 -4.72 5.30 -17.99
N THR A 107 -4.96 6.60 -18.03
CA THR A 107 -6.13 7.13 -18.75
C THR A 107 -5.96 6.75 -20.21
N ASN A 108 -4.81 7.13 -20.75
CA ASN A 108 -4.57 6.92 -22.16
C ASN A 108 -4.80 5.47 -22.58
N LEU A 109 -4.59 4.53 -21.67
CA LEU A 109 -4.77 3.12 -21.97
C LEU A 109 -6.24 2.84 -22.06
N CYS A 110 -7.02 3.63 -21.35
CA CYS A 110 -8.46 3.43 -21.27
C CYS A 110 -9.18 3.88 -22.55
N ALA A 111 -8.72 4.99 -23.12
CA ALA A 111 -9.11 5.47 -24.44
C ALA A 111 -8.83 4.39 -25.46
N ILE A 112 -7.59 3.90 -25.48
CA ILE A 112 -7.19 2.87 -26.41
C ILE A 112 -7.95 1.55 -26.17
N HIS A 113 -8.72 1.49 -25.10
CA HIS A 113 -9.41 0.25 -24.81
C HIS A 113 -10.73 0.28 -25.55
N ALA A 114 -11.31 1.48 -25.61
CA ALA A 114 -12.59 1.72 -26.22
C ALA A 114 -12.43 2.13 -27.68
N LYS A 115 -11.36 1.59 -28.29
CA LYS A 115 -11.03 1.77 -29.70
C LYS A 115 -10.94 3.25 -30.11
N ARG A 116 -10.84 4.12 -29.10
CA ARG A 116 -10.62 5.53 -29.27
C ARG A 116 -9.13 5.88 -29.21
N VAL A 117 -8.81 7.15 -29.40
CA VAL A 117 -7.43 7.66 -29.40
C VAL A 117 -7.39 8.95 -28.59
N THR A 118 -8.59 9.43 -28.29
CA THR A 118 -8.82 10.68 -27.59
C THR A 118 -9.22 10.39 -26.13
N ILE A 119 -8.50 10.95 -25.17
CA ILE A 119 -8.82 10.76 -23.73
C ILE A 119 -10.00 11.63 -23.26
N MET A 120 -10.78 11.12 -22.32
CA MET A 120 -12.04 11.74 -21.93
C MET A 120 -12.20 11.63 -20.43
N PRO A 121 -12.96 12.55 -19.82
CA PRO A 121 -13.22 12.38 -18.42
C PRO A 121 -13.57 10.92 -18.10
N LYS A 122 -14.54 10.32 -18.79
CA LYS A 122 -14.92 8.95 -18.44
C LYS A 122 -13.74 8.02 -18.38
N ASP A 123 -12.77 8.17 -19.28
CA ASP A 123 -11.54 7.38 -19.16
C ASP A 123 -10.87 7.59 -17.80
N ILE A 124 -10.31 8.79 -17.54
CA ILE A 124 -9.83 9.15 -16.19
C ILE A 124 -10.64 8.43 -15.08
N GLN A 125 -11.96 8.48 -15.20
CA GLN A 125 -12.85 7.95 -14.19
C GLN A 125 -12.70 6.44 -13.98
N LEU A 126 -12.58 5.72 -15.08
CA LEU A 126 -12.37 4.29 -15.01
C LEU A 126 -11.04 3.96 -14.36
N ALA A 127 -10.00 4.73 -14.72
CA ALA A 127 -8.66 4.51 -14.16
C ALA A 127 -8.64 4.68 -12.62
N ARG A 128 -9.37 5.68 -12.14
CA ARG A 128 -9.46 5.95 -10.74
C ARG A 128 -10.34 4.91 -10.04
N ARG A 129 -11.47 4.52 -10.64
CA ARG A 129 -12.22 3.44 -10.01
C ARG A 129 -11.29 2.24 -9.83
N ILE A 130 -10.48 1.95 -10.85
CA ILE A 130 -9.66 0.71 -10.85
C ILE A 130 -8.43 0.79 -9.95
N ARG A 131 -7.71 1.91 -10.01
CA ARG A 131 -6.68 2.22 -9.02
C ARG A 131 -7.25 2.08 -7.58
N GLY A 132 -8.57 2.15 -7.47
CA GLY A 132 -9.20 2.13 -6.18
C GLY A 132 -9.01 3.45 -5.47
N GLU A 133 -8.93 4.53 -6.24
CA GLU A 133 -8.98 5.87 -5.68
C GLU A 133 -10.45 6.28 -5.41
N ARG A 134 -10.64 7.27 -4.52
CA ARG A 134 -11.95 7.92 -4.31
C ARG A 134 -11.85 9.45 -4.27
N LYS B 20 -3.07 38.43 2.23
CA LYS B 20 -4.17 38.86 1.32
C LYS B 20 -4.94 37.68 0.70
N VAL B 21 -6.23 37.89 0.45
CA VAL B 21 -7.16 36.79 0.23
C VAL B 21 -6.84 36.06 -1.05
N LEU B 22 -7.08 34.74 -1.05
CA LEU B 22 -6.73 33.83 -2.14
C LEU B 22 -7.93 33.04 -2.64
N ARG B 23 -8.17 33.17 -3.94
CA ARG B 23 -9.42 32.74 -4.56
C ARG B 23 -9.16 32.26 -5.99
N ASP B 24 -9.79 31.13 -6.36
CA ASP B 24 -9.77 30.58 -7.73
C ASP B 24 -8.45 30.01 -8.25
N ASN B 25 -7.45 29.89 -7.38
CA ASN B 25 -6.09 29.52 -7.81
C ASN B 25 -5.88 28.24 -8.64
N ILE B 26 -6.75 27.25 -8.47
CA ILE B 26 -6.77 26.07 -9.34
C ILE B 26 -6.74 26.47 -10.82
N GLN B 27 -7.37 27.57 -11.18
CA GLN B 27 -7.33 27.99 -12.60
C GLN B 27 -5.92 28.51 -12.99
N GLY B 28 -4.99 28.43 -12.04
CA GLY B 28 -3.58 28.67 -12.33
C GLY B 28 -3.01 27.51 -13.11
N ILE B 29 -3.63 26.33 -12.97
CA ILE B 29 -3.28 25.12 -13.70
C ILE B 29 -3.84 25.26 -15.12
N THR B 30 -3.24 26.18 -15.86
CA THR B 30 -3.61 26.47 -17.24
C THR B 30 -3.76 25.21 -18.08
N LYS B 31 -4.47 25.33 -19.21
CA LYS B 31 -4.70 24.24 -20.16
C LYS B 31 -3.45 23.72 -20.91
N PRO B 32 -2.54 24.61 -21.35
CA PRO B 32 -1.30 24.10 -21.88
C PRO B 32 -0.58 23.13 -20.93
N ALA B 33 -0.45 23.50 -19.65
CA ALA B 33 0.28 22.66 -18.71
C ALA B 33 -0.41 21.30 -18.60
N ILE B 34 -1.66 21.30 -18.17
CA ILE B 34 -2.47 20.09 -18.13
C ILE B 34 -2.30 19.30 -19.42
N ARG B 35 -1.85 19.99 -20.48
CA ARG B 35 -1.54 19.36 -21.76
C ARG B 35 -0.14 18.71 -21.71
N ARG B 36 0.89 19.55 -21.49
CA ARG B 36 2.25 19.10 -21.36
C ARG B 36 2.39 17.81 -20.50
N LEU B 37 1.82 17.81 -19.30
CA LEU B 37 1.74 16.58 -18.50
C LEU B 37 1.15 15.38 -19.29
N ALA B 38 0.01 15.57 -19.95
CA ALA B 38 -0.59 14.50 -20.76
C ALA B 38 0.32 13.98 -21.86
N ARG B 39 1.34 14.76 -22.24
CA ARG B 39 2.20 14.39 -23.35
C ARG B 39 3.33 13.53 -22.84
N ARG B 40 3.94 13.96 -21.75
CA ARG B 40 4.84 13.09 -21.02
C ARG B 40 4.05 11.83 -20.71
N GLY B 41 2.73 11.96 -20.59
CA GLY B 41 1.91 10.79 -20.29
C GLY B 41 1.58 9.91 -21.48
N GLY B 42 2.00 10.33 -22.67
CA GLY B 42 1.81 9.52 -23.88
C GLY B 42 0.45 9.67 -24.54
N VAL B 43 -0.30 10.68 -24.12
CA VAL B 43 -1.55 11.08 -24.73
C VAL B 43 -1.33 12.05 -25.89
N LYS B 44 -2.00 11.74 -27.00
CA LYS B 44 -1.94 12.46 -28.25
C LYS B 44 -3.19 13.31 -28.45
N ARG B 45 -4.35 12.73 -28.13
CA ARG B 45 -5.61 13.44 -28.32
C ARG B 45 -6.42 13.68 -27.04
N ILE B 46 -6.54 14.95 -26.70
CA ILE B 46 -7.19 15.39 -25.46
C ILE B 46 -8.59 16.01 -25.69
N SER B 47 -9.63 15.34 -25.18
CA SER B 47 -10.99 15.87 -25.18
C SER B 47 -11.14 17.10 -24.29
N GLY B 48 -11.93 18.08 -24.74
CA GLY B 48 -12.07 19.35 -24.03
C GLY B 48 -12.50 19.26 -22.58
N LEU B 49 -13.30 18.24 -22.26
CA LEU B 49 -13.81 18.08 -20.90
C LEU B 49 -12.80 17.46 -19.91
N ILE B 50 -11.61 17.14 -20.41
CA ILE B 50 -10.50 16.66 -19.61
C ILE B 50 -9.98 17.73 -18.64
N TYR B 51 -9.68 18.94 -19.15
CA TYR B 51 -9.00 19.96 -18.35
C TYR B 51 -9.65 20.17 -17.00
N GLU B 52 -10.98 20.28 -16.93
CA GLU B 52 -11.62 20.52 -15.64
C GLU B 52 -11.54 19.30 -14.75
N GLU B 53 -11.71 18.13 -15.31
CA GLU B 53 -11.55 16.92 -14.51
C GLU B 53 -10.14 16.85 -13.89
N THR B 54 -9.13 17.24 -14.66
CA THR B 54 -7.76 17.10 -14.16
C THR B 54 -7.55 18.01 -12.97
N ARG B 55 -8.14 19.20 -13.06
CA ARG B 55 -8.09 20.15 -11.96
C ARG B 55 -8.81 19.59 -10.73
N GLY B 56 -9.91 18.90 -10.97
CA GLY B 56 -10.68 18.35 -9.88
C GLY B 56 -9.81 17.35 -9.17
N VAL B 57 -9.10 16.55 -9.95
CA VAL B 57 -8.32 15.42 -9.50
C VAL B 57 -7.09 15.89 -8.75
N LEU B 58 -6.42 16.91 -9.30
CA LEU B 58 -5.26 17.46 -8.69
C LEU B 58 -5.62 18.02 -7.33
N LYS B 59 -6.83 18.56 -7.23
CA LYS B 59 -7.33 19.10 -5.97
C LYS B 59 -7.51 18.00 -4.90
N VAL B 60 -8.26 16.93 -5.23
CA VAL B 60 -8.44 15.82 -4.30
C VAL B 60 -7.06 15.32 -3.93
N PHE B 61 -6.12 15.43 -4.88
CA PHE B 61 -4.75 14.99 -4.61
C PHE B 61 -4.04 15.86 -3.57
N LEU B 62 -3.96 17.18 -3.82
CA LEU B 62 -3.29 18.06 -2.84
C LEU B 62 -4.03 18.14 -1.49
N GLU B 63 -5.35 17.96 -1.55
CA GLU B 63 -6.10 18.01 -0.32
C GLU B 63 -5.72 16.76 0.46
N ASN B 64 -5.11 15.76 -0.16
CA ASN B 64 -4.64 14.68 0.70
C ASN B 64 -3.24 14.81 1.23
N VAL B 65 -2.31 15.18 0.37
CA VAL B 65 -0.95 15.25 0.81
C VAL B 65 -0.83 16.37 1.85
N ILE B 66 -1.61 17.45 1.71
CA ILE B 66 -1.48 18.56 2.64
C ILE B 66 -2.30 18.42 3.93
N ARG B 67 -3.48 17.80 3.84
CA ARG B 67 -4.16 17.39 5.06
C ARG B 67 -3.20 16.59 5.93
N ASP B 68 -2.40 15.73 5.31
CA ASP B 68 -1.42 14.94 6.06
C ASP B 68 -0.14 15.73 6.42
N ALA B 69 0.49 16.39 5.45
CA ALA B 69 1.69 17.19 5.70
C ALA B 69 1.44 18.07 6.88
N VAL B 70 0.33 18.77 6.82
CA VAL B 70 -0.09 19.74 7.83
C VAL B 70 -0.28 19.11 9.20
N THR B 71 -0.92 17.94 9.28
CA THR B 71 -1.00 17.23 10.54
C THR B 71 0.37 17.05 11.19
N TYR B 72 1.30 16.44 10.47
CA TYR B 72 2.69 16.40 10.91
C TYR B 72 3.18 17.79 11.39
N THR B 73 2.78 18.87 10.69
CA THR B 73 3.24 20.20 11.08
C THR B 73 2.60 20.66 12.38
N GLU B 74 1.30 20.38 12.51
CA GLU B 74 0.57 20.63 13.76
C GLU B 74 1.18 19.80 14.87
N HIS B 75 1.52 18.56 14.57
CA HIS B 75 2.07 17.70 15.62
C HIS B 75 3.44 18.18 16.06
N ALA B 76 4.31 18.49 15.11
CA ALA B 76 5.61 19.03 15.45
C ALA B 76 5.52 20.47 15.99
N LYS B 77 4.32 20.90 16.37
CA LYS B 77 4.08 22.25 16.93
C LYS B 77 4.80 23.35 16.14
N ARG B 78 4.51 23.46 14.85
CA ARG B 78 5.20 24.40 13.98
C ARG B 78 4.23 25.27 13.19
N LYS B 79 4.68 26.44 12.75
CA LYS B 79 3.93 27.30 11.84
C LYS B 79 4.54 27.22 10.44
N THR B 80 5.54 26.36 10.28
CA THR B 80 6.17 26.20 8.97
C THR B 80 6.15 24.77 8.55
N VAL B 81 5.61 24.53 7.36
CA VAL B 81 5.55 23.20 6.73
C VAL B 81 6.87 22.93 6.02
N THR B 82 7.49 21.80 6.38
CA THR B 82 8.83 21.49 5.95
C THR B 82 8.83 20.44 4.84
N ALA B 83 9.91 20.40 4.06
CA ALA B 83 10.01 19.37 3.03
C ALA B 83 9.72 17.97 3.61
N MET B 84 10.12 17.75 4.86
CA MET B 84 9.95 16.44 5.49
C MET B 84 8.52 16.07 5.85
N ASP B 85 7.69 17.07 6.13
CA ASP B 85 6.31 16.78 6.48
C ASP B 85 5.63 16.31 5.22
N VAL B 86 5.93 17.01 4.12
CA VAL B 86 5.47 16.58 2.81
C VAL B 86 5.91 15.13 2.51
N VAL B 87 7.19 14.82 2.71
CA VAL B 87 7.73 13.55 2.26
C VAL B 87 7.14 12.40 3.07
N TYR B 88 6.87 12.66 4.34
CA TYR B 88 6.26 11.72 5.21
C TYR B 88 4.80 11.46 4.82
N ALA B 89 4.14 12.52 4.34
CA ALA B 89 2.75 12.43 3.95
C ALA B 89 2.66 11.48 2.79
N LEU B 90 3.32 11.84 1.68
CA LEU B 90 3.45 10.97 0.53
C LEU B 90 3.69 9.49 0.90
N LYS B 91 4.73 9.22 1.70
CA LYS B 91 5.03 7.85 2.12
C LYS B 91 3.80 7.19 2.76
N ARG B 92 3.11 7.93 3.65
CA ARG B 92 1.87 7.50 4.29
C ARG B 92 0.88 6.95 3.27
N GLN B 93 0.69 7.70 2.19
CA GLN B 93 -0.29 7.40 1.14
C GLN B 93 0.35 6.60 0.02
N GLY B 94 1.40 5.86 0.32
CA GLY B 94 2.04 5.03 -0.69
C GLY B 94 2.39 5.74 -1.97
N ARG B 95 2.91 6.96 -1.86
CA ARG B 95 3.49 7.67 -2.99
C ARG B 95 4.89 8.14 -2.59
N THR B 96 5.71 7.20 -2.14
CA THR B 96 7.05 7.52 -1.61
C THR B 96 7.83 8.40 -2.59
N LEU B 97 8.42 9.49 -2.09
CA LEU B 97 9.21 10.40 -2.94
C LEU B 97 10.66 10.44 -2.49
N TYR B 98 11.56 10.16 -3.43
CA TYR B 98 13.00 10.37 -3.22
C TYR B 98 13.40 11.73 -3.78
N GLY B 99 14.39 12.35 -3.13
CA GLY B 99 15.03 13.55 -3.64
C GLY B 99 15.01 14.74 -2.70
N PHE B 100 14.30 14.59 -1.57
CA PHE B 100 14.03 15.72 -0.68
C PHE B 100 14.28 15.47 0.80
N GLY B 101 15.06 14.45 1.12
CA GLY B 101 15.26 14.03 2.51
C GLY B 101 14.45 12.77 2.75
N GLY B 102 14.63 12.18 3.94
CA GLY B 102 13.87 10.97 4.31
C GLY B 102 14.66 9.68 4.33
N THR C 16 -9.51 -1.43 38.63
CA THR C 16 -8.94 -1.42 37.25
C THR C 16 -8.62 0.01 36.76
N ARG C 17 -8.77 0.23 35.46
CA ARG C 17 -8.65 1.55 34.83
C ARG C 17 -9.70 1.71 33.75
N SER C 18 -10.20 0.58 33.23
CA SER C 18 -11.34 0.58 32.33
C SER C 18 -12.49 1.30 33.03
N SER C 19 -12.74 0.90 34.27
CA SER C 19 -13.64 1.58 35.19
C SER C 19 -13.31 3.06 35.32
N ARG C 20 -12.08 3.34 35.76
CA ARG C 20 -11.63 4.70 36.04
C ARG C 20 -11.73 5.63 34.81
N ALA C 21 -11.93 5.04 33.64
CA ALA C 21 -12.00 5.78 32.37
C ALA C 21 -13.36 5.58 31.70
N GLY C 22 -14.21 4.78 32.35
CA GLY C 22 -15.57 4.51 31.86
C GLY C 22 -15.58 3.57 30.69
N LEU C 23 -14.45 2.93 30.46
CA LEU C 23 -14.26 2.10 29.30
C LEU C 23 -14.59 0.65 29.58
N GLN C 24 -14.97 -0.06 28.53
CA GLN C 24 -15.22 -1.49 28.60
C GLN C 24 -13.98 -2.26 28.15
N PHE C 25 -13.08 -1.54 27.49
CA PHE C 25 -11.93 -2.17 26.86
C PHE C 25 -10.69 -2.15 27.76
N PRO C 26 -9.98 -3.29 27.83
CA PRO C 26 -8.94 -3.53 28.82
C PRO C 26 -7.79 -2.54 28.70
N VAL C 27 -7.89 -1.46 29.48
CA VAL C 27 -6.86 -0.41 29.59
C VAL C 27 -5.49 -0.94 30.03
N GLY C 28 -5.47 -2.05 30.75
CA GLY C 28 -4.23 -2.73 31.15
C GLY C 28 -3.59 -3.44 29.98
N ARG C 29 -4.27 -4.46 29.45
CA ARG C 29 -3.88 -5.15 28.21
C ARG C 29 -3.16 -4.20 27.25
N VAL C 30 -3.83 -3.10 26.92
CA VAL C 30 -3.33 -2.14 25.94
C VAL C 30 -1.96 -1.57 26.31
N HIS C 31 -1.78 -1.24 27.58
CA HIS C 31 -0.52 -0.68 28.06
C HIS C 31 0.58 -1.73 27.95
N ARG C 32 0.21 -2.99 28.14
CA ARG C 32 1.17 -4.07 28.06
C ARG C 32 1.64 -4.20 26.63
N LEU C 33 0.69 -4.17 25.70
CA LEU C 33 0.95 -4.41 24.28
C LEU C 33 1.77 -3.31 23.62
N LEU C 34 1.51 -2.08 24.01
CA LEU C 34 2.26 -0.96 23.50
C LEU C 34 3.72 -1.07 23.87
N ARG C 35 4.00 -1.54 25.10
CA ARG C 35 5.35 -1.59 25.65
C ARG C 35 6.13 -2.74 25.05
N LYS C 36 5.49 -3.90 25.03
CA LYS C 36 6.13 -5.13 24.53
C LYS C 36 6.18 -5.21 23.03
N GLY C 37 5.27 -4.50 22.35
CA GLY C 37 5.20 -4.50 20.88
C GLY C 37 6.15 -3.56 20.15
N ASN C 38 7.12 -3.00 20.88
CA ASN C 38 8.27 -2.34 20.24
C ASN C 38 7.97 -1.09 19.41
N TYR C 39 7.12 -0.23 19.95
CA TYR C 39 6.77 1.01 19.27
C TYR C 39 7.62 2.18 19.73
N ALA C 40 7.98 2.21 21.01
CA ALA C 40 8.90 3.23 21.53
C ALA C 40 9.61 2.78 22.79
N GLU C 41 10.69 3.50 23.12
CA GLU C 41 11.44 3.28 24.35
C GLU C 41 10.57 3.39 25.59
N ARG C 42 9.76 4.46 25.68
CA ARG C 42 8.82 4.67 26.79
C ARG C 42 7.37 4.94 26.33
N VAL C 43 6.42 4.69 27.24
CA VAL C 43 4.98 4.76 26.95
C VAL C 43 4.17 5.48 28.03
N GLY C 44 3.66 6.66 27.69
CA GLY C 44 2.81 7.45 28.58
C GLY C 44 1.63 6.72 29.23
N ALA C 45 1.00 7.40 30.19
CA ALA C 45 -0.13 6.82 30.94
C ALA C 45 -1.47 7.10 30.25
N GLY C 46 -1.57 8.22 29.56
CA GLY C 46 -2.80 8.58 28.87
C GLY C 46 -3.06 7.68 27.68
N ALA C 47 -1.99 7.25 27.01
CA ALA C 47 -2.08 6.57 25.71
C ALA C 47 -2.85 5.22 25.70
N PRO C 48 -2.56 4.31 26.65
CA PRO C 48 -3.38 3.09 26.65
C PRO C 48 -4.83 3.41 26.89
N VAL C 49 -5.08 4.58 27.47
CA VAL C 49 -6.42 5.02 27.77
C VAL C 49 -7.00 5.68 26.52
N TYR C 50 -6.27 6.62 25.94
CA TYR C 50 -6.73 7.24 24.72
C TYR C 50 -7.06 6.17 23.69
N LEU C 51 -6.11 5.28 23.45
CA LEU C 51 -6.24 4.26 22.40
C LEU C 51 -7.33 3.21 22.69
N ALA C 52 -7.31 2.60 23.86
CA ALA C 52 -8.36 1.65 24.25
C ALA C 52 -9.76 2.22 23.97
N ALA C 53 -9.87 3.55 24.08
CA ALA C 53 -11.13 4.25 23.93
C ALA C 53 -11.52 4.30 22.46
N VAL C 54 -10.50 4.54 21.63
CA VAL C 54 -10.67 4.70 20.20
C VAL C 54 -10.98 3.33 19.62
N LEU C 55 -10.32 2.31 20.13
CA LEU C 55 -10.67 0.94 19.80
C LEU C 55 -12.10 0.66 20.23
N GLU C 56 -12.43 1.08 21.45
CA GLU C 56 -13.79 0.89 21.96
C GLU C 56 -14.81 1.67 21.14
N TYR C 57 -14.53 2.95 20.88
CA TYR C 57 -15.41 3.73 20.01
C TYR C 57 -15.73 2.98 18.73
N LEU C 58 -14.69 2.57 17.99
CA LEU C 58 -14.84 2.00 16.65
C LEU C 58 -15.51 0.64 16.65
N THR C 59 -15.21 -0.18 17.65
CA THR C 59 -15.87 -1.48 17.75
C THR C 59 -17.37 -1.28 17.99
N ALA C 60 -17.73 -0.18 18.62
CA ALA C 60 -19.11 0.18 18.83
C ALA C 60 -19.80 0.55 17.51
N GLU C 61 -19.17 1.44 16.73
CA GLU C 61 -19.70 1.89 15.44
C GLU C 61 -19.99 0.74 14.49
N ILE C 62 -19.11 -0.26 14.50
CA ILE C 62 -19.30 -1.46 13.70
C ILE C 62 -20.43 -2.33 14.26
N LEU C 63 -20.38 -2.62 15.55
CA LEU C 63 -21.39 -3.44 16.21
C LEU C 63 -22.76 -2.79 16.05
N GLU C 64 -22.79 -1.46 16.14
CA GLU C 64 -23.96 -0.65 15.82
C GLU C 64 -24.60 -1.13 14.50
N LEU C 65 -23.97 -0.78 13.39
CA LEU C 65 -24.55 -0.92 12.06
C LEU C 65 -24.68 -2.36 11.61
N ALA C 66 -23.83 -3.24 12.14
CA ALA C 66 -23.97 -4.67 11.88
C ALA C 66 -25.23 -5.19 12.55
N GLY C 67 -25.37 -4.90 13.85
CA GLY C 67 -26.59 -5.23 14.59
C GLY C 67 -27.82 -4.74 13.84
N ASN C 68 -27.90 -3.42 13.63
CA ASN C 68 -28.86 -2.82 12.71
C ASN C 68 -29.10 -3.81 11.56
N ALA C 69 -28.03 -4.12 10.83
CA ALA C 69 -28.08 -5.03 9.68
C ALA C 69 -28.72 -6.38 10.01
N ALA C 70 -28.37 -6.97 11.15
CA ALA C 70 -28.96 -8.23 11.57
C ALA C 70 -30.46 -8.10 11.85
N ARG C 71 -30.87 -6.96 12.42
CA ARG C 71 -32.30 -6.64 12.54
C ARG C 71 -32.87 -6.59 11.13
N ASP C 72 -32.34 -5.67 10.32
CA ASP C 72 -32.76 -5.50 8.93
C ASP C 72 -32.88 -6.83 8.21
N ASN C 73 -31.90 -7.70 8.44
CA ASN C 73 -31.82 -9.00 7.77
C ASN C 73 -32.45 -10.11 8.60
N LYS C 74 -33.23 -9.71 9.61
CA LYS C 74 -34.09 -10.59 10.43
C LYS C 74 -33.39 -11.77 11.12
N LYS C 75 -32.43 -11.45 11.97
CA LYS C 75 -31.69 -12.43 12.76
C LYS C 75 -31.29 -11.76 14.07
N THR C 76 -31.26 -12.54 15.16
CA THR C 76 -30.81 -11.99 16.45
C THR C 76 -29.28 -12.09 16.60
N ARG C 77 -28.65 -12.95 15.82
CA ARG C 77 -27.19 -13.13 15.89
C ARG C 77 -26.43 -12.68 14.64
N ILE C 78 -25.36 -11.92 14.89
CA ILE C 78 -24.50 -11.36 13.84
C ILE C 78 -23.52 -12.39 13.28
N ILE C 79 -23.65 -12.68 11.99
CA ILE C 79 -22.64 -13.46 11.29
C ILE C 79 -21.79 -12.53 10.42
N PRO C 80 -20.63 -13.02 9.94
CA PRO C 80 -19.72 -12.20 9.16
C PRO C 80 -20.40 -11.32 8.12
N ARG C 81 -21.40 -11.85 7.42
CA ARG C 81 -22.11 -11.07 6.42
C ARG C 81 -22.56 -9.71 6.96
N HIS C 82 -23.20 -9.72 8.13
CA HIS C 82 -23.75 -8.52 8.75
C HIS C 82 -22.66 -7.51 9.01
N LEU C 83 -21.45 -7.99 9.19
CA LEU C 83 -20.30 -7.10 9.31
C LEU C 83 -20.05 -6.46 7.95
N GLN C 84 -19.78 -7.30 6.94
CA GLN C 84 -19.56 -6.83 5.57
C GLN C 84 -20.64 -5.84 5.10
N LEU C 85 -21.90 -6.22 5.24
CA LEU C 85 -23.00 -5.32 4.91
C LEU C 85 -22.84 -3.99 5.64
N ALA C 86 -22.59 -4.05 6.95
CA ALA C 86 -22.42 -2.82 7.74
C ALA C 86 -21.30 -1.96 7.21
N VAL C 87 -20.21 -2.63 6.85
CA VAL C 87 -18.95 -1.99 6.51
C VAL C 87 -18.99 -1.37 5.13
N ARG C 88 -19.37 -2.18 4.14
CA ARG C 88 -19.36 -1.76 2.74
C ARG C 88 -20.43 -0.71 2.49
N ASN C 89 -21.55 -0.80 3.22
CA ASN C 89 -22.56 0.23 3.13
C ASN C 89 -22.18 1.53 3.80
N ASP C 90 -21.26 1.48 4.75
CA ASP C 90 -20.77 2.72 5.36
C ASP C 90 -19.62 3.34 4.56
N GLU C 91 -19.80 4.59 4.16
CA GLU C 91 -18.83 5.27 3.33
C GLU C 91 -17.49 5.47 4.05
N GLU C 92 -17.55 5.86 5.31
CA GLU C 92 -16.34 6.08 6.12
C GLU C 92 -15.67 4.80 6.59
N LEU C 93 -16.45 3.77 6.93
CA LEU C 93 -15.88 2.52 7.42
C LEU C 93 -15.29 1.71 6.28
N ASN C 94 -15.95 1.75 5.12
CA ASN C 94 -15.51 1.01 3.95
C ASN C 94 -14.18 1.52 3.49
N LYS C 95 -13.95 2.82 3.63
CA LYS C 95 -12.68 3.37 3.29
C LYS C 95 -11.70 2.71 4.21
N LEU C 96 -11.88 2.93 5.50
CA LEU C 96 -10.95 2.45 6.52
C LEU C 96 -10.51 1.02 6.19
N LEU C 97 -11.48 0.14 6.01
CA LEU C 97 -11.20 -1.25 5.63
C LEU C 97 -11.28 -1.41 4.11
N GLY C 98 -10.69 -0.42 3.42
CA GLY C 98 -10.55 -0.42 1.96
C GLY C 98 -9.65 -1.52 1.42
N ARG C 99 -8.72 -2.01 2.23
CA ARG C 99 -7.86 -3.12 1.83
C ARG C 99 -8.08 -4.43 2.60
N VAL C 100 -9.25 -4.61 3.21
CA VAL C 100 -9.48 -5.82 4.02
C VAL C 100 -10.52 -6.70 3.42
N THR C 101 -10.13 -7.89 3.03
CA THR C 101 -11.13 -8.89 2.70
C THR C 101 -11.67 -9.54 4.00
N ILE C 102 -12.96 -9.40 4.27
CA ILE C 102 -13.62 -10.01 5.44
C ILE C 102 -14.14 -11.43 5.11
N ALA C 103 -13.54 -12.46 5.69
CA ALA C 103 -13.98 -13.85 5.45
C ALA C 103 -15.50 -14.06 5.58
N GLN C 104 -16.06 -14.79 4.61
CA GLN C 104 -17.49 -15.07 4.57
C GLN C 104 -18.36 -13.81 4.57
N GLY C 105 -17.96 -12.82 3.79
CA GLY C 105 -18.71 -11.57 3.75
C GLY C 105 -19.61 -11.45 2.54
N GLY C 106 -19.23 -12.12 1.45
CA GLY C 106 -19.91 -11.93 0.19
C GLY C 106 -19.66 -10.53 -0.34
N VAL C 107 -20.52 -10.09 -1.25
CA VAL C 107 -20.46 -8.75 -1.82
C VAL C 107 -21.81 -8.06 -1.64
N LEU C 108 -21.83 -6.74 -1.79
CA LEU C 108 -23.09 -6.03 -1.85
C LEU C 108 -23.73 -6.37 -3.18
N PRO C 109 -25.07 -6.36 -3.24
CA PRO C 109 -25.69 -6.58 -4.54
C PRO C 109 -25.67 -5.30 -5.35
N ASN C 110 -25.05 -5.37 -6.51
CA ASN C 110 -24.98 -4.29 -7.48
C ASN C 110 -24.95 -4.98 -8.85
N ILE C 111 -25.91 -4.63 -9.70
CA ILE C 111 -26.07 -5.24 -11.03
C ILE C 111 -26.05 -4.12 -12.05
N GLN C 112 -24.95 -3.99 -12.77
CA GLN C 112 -24.71 -2.85 -13.65
C GLN C 112 -25.83 -2.56 -14.64
N SER C 113 -26.37 -1.35 -14.60
CA SER C 113 -27.41 -0.86 -15.52
C SER C 113 -27.54 -1.64 -16.83
N VAL C 114 -26.68 -1.32 -17.80
CA VAL C 114 -26.77 -1.88 -19.16
C VAL C 114 -26.83 -3.40 -19.22
N LEU C 115 -26.65 -4.05 -18.08
CA LEU C 115 -26.80 -5.49 -18.02
C LEU C 115 -28.26 -5.87 -17.84
N LEU C 116 -29.03 -5.00 -17.18
CA LEU C 116 -30.46 -5.18 -16.96
C LEU C 116 -31.26 -5.26 -18.28
N PRO C 117 -32.35 -6.07 -18.29
CA PRO C 117 -33.17 -6.26 -19.49
C PRO C 117 -33.87 -4.97 -19.91
N LYS C 118 -34.23 -4.88 -21.19
CA LYS C 118 -34.92 -3.70 -21.71
C LYS C 118 -36.42 -3.96 -21.85
N LYS D 31 -3.32 -26.78 28.15
CA LYS D 31 -4.21 -26.31 27.04
C LYS D 31 -4.14 -24.77 26.94
N THR D 32 -3.08 -24.30 26.25
CA THR D 32 -2.61 -22.89 26.26
C THR D 32 -3.67 -21.78 26.29
N ARG D 33 -3.28 -20.69 26.95
CA ARG D 33 -4.18 -19.65 27.42
C ARG D 33 -4.28 -18.44 26.49
N LYS D 34 -4.36 -18.69 25.18
CA LYS D 34 -4.35 -17.58 24.19
C LYS D 34 -5.46 -16.53 24.37
N GLU D 35 -5.05 -15.27 24.42
CA GLU D 35 -5.93 -14.14 24.72
C GLU D 35 -6.72 -13.63 23.52
N SER D 36 -7.69 -12.75 23.79
CA SER D 36 -8.39 -12.01 22.74
C SER D 36 -9.16 -10.84 23.35
N TYR D 37 -9.96 -10.17 22.53
CA TYR D 37 -10.85 -9.09 22.97
C TYR D 37 -12.31 -9.53 23.10
N ALA D 38 -12.56 -10.82 22.82
CA ALA D 38 -13.92 -11.38 22.74
C ALA D 38 -14.95 -10.83 23.73
N ILE D 39 -14.63 -10.87 25.01
CA ILE D 39 -15.58 -10.54 26.07
C ILE D 39 -15.93 -9.05 26.12
N TYR D 40 -15.00 -8.19 25.71
CA TYR D 40 -15.20 -6.75 25.73
C TYR D 40 -16.02 -6.30 24.53
N VAL D 41 -15.76 -6.95 23.40
CA VAL D 41 -16.59 -6.81 22.22
C VAL D 41 -18.05 -6.99 22.65
N TYR D 42 -18.37 -8.14 23.26
CA TYR D 42 -19.68 -8.39 23.86
C TYR D 42 -20.23 -7.27 24.75
N LYS D 43 -19.50 -6.95 25.82
CA LYS D 43 -19.86 -5.83 26.68
C LYS D 43 -20.19 -4.57 25.89
N VAL D 44 -19.45 -4.31 24.82
CA VAL D 44 -19.75 -3.18 23.96
C VAL D 44 -20.99 -3.45 23.10
N LEU D 45 -21.12 -4.69 22.64
CA LEU D 45 -22.32 -5.15 21.92
C LEU D 45 -23.58 -4.90 22.76
N LYS D 46 -23.51 -5.23 24.04
CA LYS D 46 -24.63 -4.98 24.96
C LYS D 46 -24.90 -3.47 25.10
N GLN D 47 -23.83 -2.69 25.23
CA GLN D 47 -23.92 -1.24 25.29
C GLN D 47 -24.66 -0.62 24.11
N VAL D 48 -24.57 -1.24 22.93
CA VAL D 48 -25.24 -0.70 21.73
C VAL D 48 -26.53 -1.41 21.37
N HIS D 49 -26.49 -2.74 21.36
CA HIS D 49 -27.64 -3.56 20.95
C HIS D 49 -27.95 -4.62 22.01
N PRO D 50 -28.54 -4.19 23.15
CA PRO D 50 -28.70 -5.04 24.33
C PRO D 50 -29.30 -6.41 24.01
N ASP D 51 -30.37 -6.44 23.21
CA ASP D 51 -31.02 -7.70 22.86
C ASP D 51 -30.51 -8.24 21.52
N THR D 52 -29.21 -8.51 21.42
CA THR D 52 -28.61 -9.07 20.20
C THR D 52 -27.35 -9.92 20.49
N GLY D 53 -27.10 -10.93 19.66
CA GLY D 53 -25.94 -11.83 19.85
C GLY D 53 -24.99 -11.93 18.67
N ILE D 54 -23.94 -12.75 18.83
CA ILE D 54 -22.86 -12.86 17.84
C ILE D 54 -22.45 -14.32 17.57
N SER D 55 -21.77 -14.56 16.46
CA SER D 55 -21.26 -15.90 16.15
C SER D 55 -19.75 -15.93 16.31
N SER D 56 -19.20 -17.13 16.47
CA SER D 56 -17.75 -17.30 16.60
C SER D 56 -17.05 -16.75 15.37
N LYS D 57 -17.58 -17.15 14.20
CA LYS D 57 -17.04 -16.72 12.91
C LYS D 57 -16.97 -15.20 12.73
N ALA D 58 -17.94 -14.47 13.28
CA ALA D 58 -17.93 -13.02 13.27
C ALA D 58 -17.05 -12.48 14.38
N MET D 59 -16.90 -13.27 15.44
CA MET D 59 -16.14 -12.84 16.61
C MET D 59 -14.67 -12.70 16.27
N SER D 60 -14.15 -13.64 15.50
CA SER D 60 -12.77 -13.56 15.06
C SER D 60 -12.63 -12.29 14.21
N ILE D 61 -13.60 -12.04 13.33
CA ILE D 61 -13.56 -10.85 12.50
C ILE D 61 -13.46 -9.59 13.37
N MET D 62 -14.24 -9.54 14.44
CA MET D 62 -14.18 -8.44 15.38
C MET D 62 -12.85 -8.40 16.10
N ASN D 63 -12.28 -9.56 16.40
CA ASN D 63 -10.96 -9.56 16.99
C ASN D 63 -9.86 -9.17 16.01
N SER D 64 -9.92 -9.71 14.79
CA SER D 64 -8.96 -9.36 13.75
C SER D 64 -9.00 -7.86 13.54
N PHE D 65 -10.22 -7.36 13.44
CA PHE D 65 -10.44 -5.95 13.25
C PHE D 65 -9.70 -5.16 14.31
N VAL D 66 -9.84 -5.57 15.56
CA VAL D 66 -9.26 -4.81 16.69
C VAL D 66 -7.72 -4.79 16.66
N ASN D 67 -7.12 -5.94 16.40
CA ASN D 67 -5.66 -6.01 16.33
C ASN D 67 -5.13 -5.17 15.17
N ASP D 68 -5.79 -5.26 14.02
CA ASP D 68 -5.40 -4.49 12.84
C ASP D 68 -5.41 -2.99 13.15
N VAL D 69 -6.49 -2.54 13.78
CA VAL D 69 -6.61 -1.14 14.07
C VAL D 69 -5.55 -0.72 15.08
N PHE D 70 -5.32 -1.58 16.08
CA PHE D 70 -4.27 -1.38 17.08
C PHE D 70 -2.88 -1.15 16.45
N GLU D 71 -2.48 -2.04 15.53
CA GLU D 71 -1.18 -1.92 14.89
C GLU D 71 -1.06 -0.60 14.15
N ARG D 72 -2.07 -0.30 13.33
CA ARG D 72 -2.00 0.86 12.44
C ARG D 72 -1.84 2.16 13.23
N ILE D 73 -2.56 2.26 14.34
CA ILE D 73 -2.51 3.45 15.18
C ILE D 73 -1.18 3.49 15.90
N ALA D 74 -0.86 2.37 16.56
CA ALA D 74 0.40 2.21 17.28
C ALA D 74 1.62 2.52 16.40
N GLY D 75 1.62 1.93 15.18
CA GLY D 75 2.67 2.08 14.20
C GLY D 75 2.84 3.50 13.73
N GLU D 76 1.73 4.19 13.49
CA GLU D 76 1.74 5.61 13.10
C GLU D 76 2.32 6.45 14.20
N ALA D 77 1.85 6.16 15.41
CA ALA D 77 2.32 6.78 16.63
C ALA D 77 3.82 6.63 16.75
N SER D 78 4.28 5.39 16.57
CA SER D 78 5.70 5.09 16.57
C SER D 78 6.56 5.97 15.64
N ARG D 79 6.14 6.14 14.39
CA ARG D 79 6.89 6.95 13.44
C ARG D 79 6.89 8.41 13.88
N LEU D 80 5.72 8.90 14.27
CA LEU D 80 5.51 10.24 14.83
C LEU D 80 6.58 10.61 15.86
N ALA D 81 6.69 9.79 16.90
CA ALA D 81 7.77 9.92 17.87
C ALA D 81 9.14 10.06 17.19
N HIS D 82 9.56 9.01 16.48
CA HIS D 82 10.82 9.03 15.73
C HIS D 82 11.06 10.31 14.93
N TYR D 83 10.10 10.64 14.07
CA TYR D 83 10.20 11.81 13.22
C TYR D 83 10.54 13.04 14.04
N ASN D 84 10.06 13.05 15.29
CA ASN D 84 10.19 14.21 16.15
C ASN D 84 11.27 14.04 17.20
N LYS D 85 12.22 13.15 16.92
CA LYS D 85 13.37 12.93 17.80
C LYS D 85 12.96 12.91 19.26
N ARG D 86 12.01 12.01 19.57
CA ARG D 86 11.43 11.91 20.90
C ARG D 86 11.12 10.44 21.19
N SER D 87 11.14 10.09 22.48
CA SER D 87 11.18 8.69 22.92
C SER D 87 9.89 8.18 23.52
N THR D 88 8.85 9.01 23.54
CA THR D 88 7.63 8.61 24.24
C THR D 88 6.40 8.68 23.37
N ILE D 89 5.58 7.62 23.45
CA ILE D 89 4.29 7.58 22.79
C ILE D 89 3.23 7.95 23.81
N THR D 90 2.74 9.18 23.69
CA THR D 90 1.73 9.69 24.61
C THR D 90 0.36 9.67 23.97
N SER D 91 -0.64 10.11 24.74
CA SER D 91 -2.00 10.24 24.23
C SER D 91 -2.04 11.22 23.06
N ARG D 92 -1.12 12.19 23.04
CA ARG D 92 -1.01 13.18 21.97
C ARG D 92 -0.54 12.53 20.67
N GLU D 93 0.54 11.76 20.74
CA GLU D 93 0.92 10.92 19.62
C GLU D 93 -0.28 10.10 19.20
N ILE D 94 -0.77 9.25 20.09
CA ILE D 94 -1.90 8.38 19.76
C ILE D 94 -3.00 9.17 19.10
N GLN D 95 -3.12 10.43 19.47
CA GLN D 95 -4.19 11.26 18.96
C GLN D 95 -3.96 11.55 17.50
N THR D 96 -2.87 12.25 17.18
CA THR D 96 -2.62 12.65 15.79
C THR D 96 -2.55 11.44 14.85
N ALA D 97 -1.98 10.34 15.33
CA ALA D 97 -2.00 9.05 14.65
C ALA D 97 -3.40 8.66 14.13
N VAL D 98 -4.37 8.74 15.02
CA VAL D 98 -5.79 8.64 14.74
C VAL D 98 -6.25 9.60 13.65
N ARG D 99 -5.73 10.84 13.68
CA ARG D 99 -6.17 11.83 12.71
C ARG D 99 -5.58 11.58 11.32
N LEU D 100 -4.53 10.79 11.27
CA LEU D 100 -3.96 10.39 9.99
C LEU D 100 -4.57 9.05 9.57
N LEU D 101 -5.08 8.28 10.51
CA LEU D 101 -5.57 6.97 10.12
C LEU D 101 -7.04 6.89 9.81
N LEU D 102 -7.79 7.90 10.21
CA LEU D 102 -9.25 7.83 10.14
C LEU D 102 -9.86 8.93 9.27
N PRO D 103 -10.95 8.58 8.55
CA PRO D 103 -11.77 9.46 7.71
C PRO D 103 -12.51 10.55 8.48
N GLY D 104 -12.19 11.81 8.15
CA GLY D 104 -12.85 13.02 8.66
C GLY D 104 -13.85 12.88 9.80
N GLU D 105 -14.90 12.08 9.60
CA GLU D 105 -15.98 12.00 10.59
C GLU D 105 -15.68 10.98 11.66
N LEU D 106 -15.07 9.89 11.24
CA LEU D 106 -14.84 8.76 12.13
C LEU D 106 -13.77 9.11 13.13
N ALA D 107 -12.78 9.86 12.65
CA ALA D 107 -11.71 10.45 13.46
C ALA D 107 -12.28 11.44 14.46
N LYS D 108 -13.17 12.29 13.98
CA LYS D 108 -13.78 13.35 14.77
C LYS D 108 -14.31 12.77 16.07
N HIS D 109 -15.19 11.79 15.95
CA HIS D 109 -15.74 11.12 17.11
C HIS D 109 -14.69 10.43 17.95
N ALA D 110 -13.84 9.63 17.31
CA ALA D 110 -12.72 8.96 17.97
C ALA D 110 -11.96 9.89 18.93
N VAL D 111 -11.46 11.01 18.40
CA VAL D 111 -10.73 11.99 19.20
C VAL D 111 -11.59 12.39 20.40
N SER D 112 -12.81 12.81 20.11
CA SER D 112 -13.79 13.11 21.16
C SER D 112 -13.73 12.04 22.22
N GLU D 113 -14.21 10.82 21.90
CA GLU D 113 -14.25 9.69 22.84
C GLU D 113 -12.90 9.46 23.52
N GLY D 114 -11.83 9.75 22.79
CA GLY D 114 -10.47 9.63 23.30
C GLY D 114 -10.12 10.67 24.33
N THR D 115 -10.31 11.95 23.99
CA THR D 115 -10.01 13.02 24.93
C THR D 115 -10.90 12.90 26.21
N LYS D 116 -12.16 12.50 26.00
CA LYS D 116 -13.11 12.26 27.10
C LYS D 116 -12.60 11.20 28.06
N ALA D 117 -12.39 9.99 27.57
CA ALA D 117 -11.99 8.87 28.44
C ALA D 117 -10.71 9.16 29.22
N VAL D 118 -9.83 9.95 28.61
CA VAL D 118 -8.58 10.35 29.26
C VAL D 118 -8.86 11.24 30.45
N THR D 119 -9.43 12.44 30.23
CA THR D 119 -9.74 13.34 31.33
C THR D 119 -10.51 12.62 32.45
N LYS D 120 -11.53 11.84 32.07
CA LYS D 120 -12.33 11.09 33.04
C LYS D 120 -11.48 10.15 33.89
N TYR D 121 -10.47 9.55 33.28
CA TYR D 121 -9.54 8.67 33.97
C TYR D 121 -8.63 9.48 34.87
N THR D 122 -8.20 10.66 34.41
CA THR D 122 -7.34 11.50 35.24
C THR D 122 -8.10 12.23 36.36
N SER D 123 -9.43 12.11 36.36
CA SER D 123 -10.25 12.51 37.50
C SER D 123 -9.89 11.58 38.65
N ALA D 124 -10.32 10.32 38.50
CA ALA D 124 -10.03 9.26 39.46
C ALA D 124 -8.52 8.99 39.54
N LYS D 125 -8.11 8.37 40.65
CA LYS D 125 -6.69 8.04 40.91
C LYS D 125 -6.59 7.01 42.01
N HIS E 39 -40.87 -24.19 -20.86
CA HIS E 39 -40.36 -23.61 -22.14
C HIS E 39 -38.88 -23.18 -22.06
N ARG E 40 -38.58 -22.02 -22.65
CA ARG E 40 -37.20 -21.54 -22.80
C ARG E 40 -37.05 -20.11 -22.30
N TYR E 41 -36.00 -19.88 -21.51
CA TYR E 41 -35.67 -18.54 -21.01
C TYR E 41 -34.70 -17.83 -21.93
N ARG E 42 -35.02 -16.56 -22.23
CA ARG E 42 -34.25 -15.76 -23.19
C ARG E 42 -32.80 -15.59 -22.76
N PRO E 43 -31.85 -16.10 -23.59
CA PRO E 43 -30.41 -16.06 -23.30
C PRO E 43 -29.97 -14.81 -22.53
N GLY E 44 -29.46 -15.03 -21.32
CA GLY E 44 -28.96 -13.95 -20.48
C GLY E 44 -29.90 -13.54 -19.38
N THR E 45 -30.90 -14.36 -19.06
CA THR E 45 -31.92 -13.97 -18.10
C THR E 45 -31.84 -14.81 -16.83
N VAL E 46 -31.24 -16.00 -16.96
CA VAL E 46 -30.82 -16.77 -15.80
C VAL E 46 -29.47 -16.21 -15.33
N ALA E 47 -28.71 -15.65 -16.28
CA ALA E 47 -27.48 -14.94 -15.98
C ALA E 47 -27.75 -13.86 -14.95
N LEU E 48 -28.73 -13.01 -15.24
CA LEU E 48 -29.14 -11.99 -14.30
C LEU E 48 -29.66 -12.60 -13.00
N ARG E 49 -30.38 -13.72 -13.09
CA ARG E 49 -30.90 -14.40 -11.90
C ARG E 49 -29.82 -14.98 -11.01
N GLU E 50 -28.78 -15.56 -11.61
CA GLU E 50 -27.64 -16.10 -10.87
C GLU E 50 -26.83 -15.00 -10.18
N ILE E 51 -26.62 -13.86 -10.85
CA ILE E 51 -25.95 -12.72 -10.22
C ILE E 51 -26.66 -12.41 -8.91
N ARG E 52 -27.99 -12.28 -8.97
CA ARG E 52 -28.80 -11.96 -7.79
C ARG E 52 -28.57 -12.96 -6.66
N ARG E 53 -28.46 -14.22 -7.05
CA ARG E 53 -28.35 -15.34 -6.11
C ARG E 53 -27.01 -15.36 -5.37
N TYR E 54 -25.92 -15.11 -6.10
CA TYR E 54 -24.57 -15.23 -5.56
C TYR E 54 -24.14 -14.03 -4.74
N GLN E 55 -24.70 -12.87 -5.07
CA GLN E 55 -24.40 -11.67 -4.31
C GLN E 55 -25.20 -11.66 -3.01
N LYS E 56 -26.25 -12.48 -2.96
CA LYS E 56 -27.04 -12.66 -1.74
C LYS E 56 -26.42 -13.68 -0.80
N SER E 57 -25.62 -14.60 -1.34
CA SER E 57 -25.01 -15.65 -0.55
C SER E 57 -23.55 -15.36 -0.27
N THR E 58 -23.02 -15.98 0.77
CA THR E 58 -21.62 -15.80 1.16
C THR E 58 -20.80 -17.08 1.06
N GLU E 59 -21.42 -18.14 0.56
CA GLU E 59 -20.77 -19.44 0.45
C GLU E 59 -19.68 -19.46 -0.61
N LEU E 60 -18.64 -20.26 -0.38
CA LEU E 60 -17.50 -20.37 -1.30
C LEU E 60 -17.88 -21.11 -2.56
N LEU E 61 -17.24 -20.74 -3.66
CA LEU E 61 -17.75 -21.15 -4.98
C LEU E 61 -16.89 -22.18 -5.70
N ILE E 62 -15.59 -22.18 -5.45
CA ILE E 62 -14.73 -23.27 -5.88
C ILE E 62 -14.84 -24.35 -4.82
N ARG E 63 -15.18 -25.58 -5.22
CA ARG E 63 -15.30 -26.66 -4.24
C ARG E 63 -13.93 -27.02 -3.66
N LYS E 64 -13.94 -27.28 -2.35
CA LYS E 64 -12.74 -27.28 -1.52
C LYS E 64 -11.58 -28.14 -1.98
N LEU E 65 -11.86 -29.32 -2.52
CA LEU E 65 -10.80 -30.30 -2.72
C LEU E 65 -9.94 -30.12 -3.98
N PRO E 66 -10.55 -29.77 -5.13
CA PRO E 66 -9.70 -29.42 -6.28
C PRO E 66 -8.78 -28.29 -5.88
N PHE E 67 -9.37 -27.27 -5.24
CA PHE E 67 -8.65 -26.15 -4.71
C PHE E 67 -7.56 -26.61 -3.76
N GLN E 68 -7.94 -27.44 -2.79
CA GLN E 68 -7.00 -27.95 -1.83
C GLN E 68 -5.82 -28.62 -2.53
N ARG E 69 -6.11 -29.45 -3.53
CA ARG E 69 -5.04 -30.11 -4.28
C ARG E 69 -4.21 -29.14 -5.11
N LEU E 70 -4.84 -28.07 -5.57
CA LEU E 70 -4.09 -27.05 -6.29
C LEU E 70 -3.09 -26.34 -5.37
N VAL E 71 -3.52 -26.07 -4.14
CA VAL E 71 -2.68 -25.39 -3.14
C VAL E 71 -1.45 -26.22 -2.80
N ARG E 72 -1.65 -27.51 -2.59
CA ARG E 72 -0.57 -28.45 -2.25
C ARG E 72 0.45 -28.57 -3.37
N GLU E 73 -0.03 -28.67 -4.61
CA GLU E 73 0.82 -28.66 -5.79
C GLU E 73 1.75 -27.44 -5.77
N ILE E 74 1.15 -26.25 -5.74
CA ILE E 74 1.89 -24.98 -5.83
C ILE E 74 2.95 -24.82 -4.76
N ALA E 75 2.64 -25.31 -3.56
CA ALA E 75 3.52 -25.19 -2.40
C ALA E 75 4.70 -26.17 -2.45
N GLN E 76 4.43 -27.40 -2.91
CA GLN E 76 5.48 -28.41 -3.04
C GLN E 76 6.62 -27.88 -3.91
N ASP E 77 6.27 -27.08 -4.91
CA ASP E 77 7.25 -26.41 -5.76
C ASP E 77 8.19 -25.50 -4.97
N PHE E 78 7.73 -24.98 -3.84
CA PHE E 78 8.56 -24.09 -3.02
C PHE E 78 9.31 -24.83 -1.92
N LYS E 79 8.65 -25.82 -1.32
CA LYS E 79 9.30 -26.64 -0.29
C LYS E 79 8.65 -28.01 -0.14
N THR E 80 9.50 -29.01 0.09
CA THR E 80 9.10 -30.42 0.14
C THR E 80 8.60 -30.88 1.51
N ASP E 81 7.72 -31.90 1.50
CA ASP E 81 7.24 -32.57 2.72
C ASP E 81 6.61 -31.57 3.68
N LEU E 82 5.46 -31.03 3.27
CA LEU E 82 4.77 -29.97 4.01
C LEU E 82 3.35 -30.35 4.39
N ARG E 83 2.87 -29.78 5.49
CA ARG E 83 1.48 -29.96 5.91
C ARG E 83 0.79 -28.62 6.08
N PHE E 84 -0.51 -28.57 5.81
CA PHE E 84 -1.28 -27.35 5.90
C PHE E 84 -2.33 -27.45 6.97
N GLN E 85 -2.45 -26.42 7.81
CA GLN E 85 -3.60 -26.32 8.69
C GLN E 85 -4.86 -26.15 7.85
N SER E 86 -5.93 -26.85 8.23
CA SER E 86 -7.21 -26.74 7.51
C SER E 86 -7.72 -25.30 7.50
N SER E 87 -7.34 -24.51 8.50
CA SER E 87 -7.62 -23.09 8.48
C SER E 87 -6.71 -22.37 7.51
N ALA E 88 -5.51 -22.93 7.28
CA ALA E 88 -4.56 -22.33 6.35
C ALA E 88 -5.13 -22.36 4.94
N VAL E 89 -5.76 -23.48 4.60
CA VAL E 89 -6.36 -23.62 3.27
C VAL E 89 -7.61 -22.74 3.13
N MET E 90 -8.43 -22.69 4.18
CA MET E 90 -9.63 -21.85 4.14
C MET E 90 -9.25 -20.40 3.96
N ALA E 91 -8.28 -19.93 4.74
CA ALA E 91 -7.77 -18.56 4.65
C ALA E 91 -7.39 -18.24 3.21
N LEU E 92 -6.49 -19.05 2.66
CA LEU E 92 -6.11 -18.96 1.26
C LEU E 92 -7.34 -18.86 0.36
N GLN E 93 -8.27 -19.80 0.52
CA GLN E 93 -9.46 -19.83 -0.33
C GLN E 93 -10.29 -18.56 -0.26
N GLU E 94 -10.54 -18.09 0.95
CA GLU E 94 -11.28 -16.85 1.14
C GLU E 94 -10.55 -15.70 0.44
N ALA E 95 -9.25 -15.62 0.67
CA ALA E 95 -8.41 -14.55 0.12
C ALA E 95 -8.42 -14.54 -1.41
N SER E 96 -8.38 -15.74 -1.99
CA SER E 96 -8.29 -15.93 -3.43
C SER E 96 -9.60 -15.62 -4.12
N GLU E 97 -10.68 -16.18 -3.60
CA GLU E 97 -11.98 -15.92 -4.19
C GLU E 97 -12.29 -14.42 -4.12
N ALA E 98 -12.44 -13.88 -2.91
CA ALA E 98 -12.71 -12.47 -2.74
C ALA E 98 -11.94 -11.63 -3.76
N TYR E 99 -10.66 -11.96 -3.95
CA TYR E 99 -9.76 -11.29 -4.89
C TYR E 99 -10.25 -11.38 -6.34
N LEU E 100 -10.71 -12.56 -6.72
CA LEU E 100 -11.09 -12.85 -8.10
C LEU E 100 -12.39 -12.17 -8.42
N VAL E 101 -13.20 -11.97 -7.38
CA VAL E 101 -14.53 -11.40 -7.52
C VAL E 101 -14.35 -9.92 -7.73
N ALA E 102 -13.73 -9.27 -6.74
CA ALA E 102 -13.13 -7.95 -6.91
C ALA E 102 -12.62 -7.80 -8.33
N LEU E 103 -11.75 -8.73 -8.76
CA LEU E 103 -11.23 -8.68 -10.13
C LEU E 103 -12.29 -8.73 -11.23
N PHE E 104 -13.26 -9.63 -11.13
CA PHE E 104 -14.30 -9.69 -12.14
C PHE E 104 -15.10 -8.39 -12.20
N GLU E 105 -15.44 -7.84 -11.03
CA GLU E 105 -16.04 -6.52 -10.92
C GLU E 105 -15.25 -5.55 -11.80
N ASP E 106 -13.97 -5.37 -11.51
CA ASP E 106 -13.18 -4.37 -12.22
C ASP E 106 -13.01 -4.72 -13.69
N THR E 107 -12.98 -6.02 -13.97
CA THR E 107 -12.87 -6.51 -15.33
C THR E 107 -14.11 -6.07 -16.08
N ASN E 108 -15.25 -6.53 -15.57
CA ASN E 108 -16.56 -6.21 -16.11
C ASN E 108 -16.75 -4.72 -16.40
N LEU E 109 -16.06 -3.85 -15.67
CA LEU E 109 -16.17 -2.42 -15.93
C LEU E 109 -15.43 -2.00 -17.20
N CYS E 110 -14.35 -2.71 -17.52
CA CYS E 110 -13.62 -2.43 -18.75
C CYS E 110 -14.41 -2.93 -19.97
N ALA E 111 -15.03 -4.11 -19.82
CA ALA E 111 -15.93 -4.64 -20.83
C ALA E 111 -16.92 -3.55 -21.17
N ILE E 112 -17.66 -3.11 -20.16
CA ILE E 112 -18.60 -2.02 -20.31
C ILE E 112 -17.96 -0.74 -20.89
N HIS E 113 -16.72 -0.46 -20.54
CA HIS E 113 -16.09 0.76 -21.03
C HIS E 113 -15.92 0.69 -22.55
N ALA E 114 -15.85 -0.53 -23.07
CA ALA E 114 -15.66 -0.81 -24.49
C ALA E 114 -17.01 -1.10 -25.19
N LYS E 115 -18.07 -0.50 -24.65
CA LYS E 115 -19.44 -0.67 -25.14
C LYS E 115 -19.86 -2.15 -25.27
N ARG E 116 -19.05 -3.04 -24.70
CA ARG E 116 -19.31 -4.48 -24.71
C ARG E 116 -20.18 -4.95 -23.51
N VAL E 117 -20.43 -6.24 -23.43
CA VAL E 117 -21.24 -6.81 -22.33
C VAL E 117 -20.67 -8.17 -21.94
N THR E 118 -19.74 -8.64 -22.76
CA THR E 118 -19.03 -9.87 -22.51
C THR E 118 -17.64 -9.50 -21.99
N ILE E 119 -17.21 -10.12 -20.90
CA ILE E 119 -15.85 -9.88 -20.42
C ILE E 119 -14.86 -10.75 -21.21
N MET E 120 -13.64 -10.24 -21.41
CA MET E 120 -12.69 -10.87 -22.30
C MET E 120 -11.29 -10.77 -21.73
N PRO E 121 -10.41 -11.73 -22.07
CA PRO E 121 -9.09 -11.72 -21.46
C PRO E 121 -8.41 -10.36 -21.51
N LYS E 122 -8.76 -9.55 -22.52
CA LYS E 122 -8.10 -8.26 -22.73
C LYS E 122 -8.52 -7.21 -21.69
N ASP E 123 -9.66 -7.45 -21.05
CA ASP E 123 -10.16 -6.59 -19.99
C ASP E 123 -9.33 -6.83 -18.73
N ILE E 124 -9.37 -8.08 -18.26
CA ILE E 124 -8.50 -8.58 -17.20
C ILE E 124 -7.10 -7.99 -17.29
N GLN E 125 -6.51 -8.02 -18.49
CA GLN E 125 -5.16 -7.48 -18.70
C GLN E 125 -5.10 -5.97 -18.43
N LEU E 126 -6.07 -5.23 -18.92
CA LEU E 126 -6.16 -3.81 -18.61
C LEU E 126 -6.45 -3.57 -17.13
N ALA E 127 -7.28 -4.43 -16.53
CA ALA E 127 -7.68 -4.26 -15.14
C ALA E 127 -6.47 -4.40 -14.26
N ARG E 128 -5.69 -5.44 -14.52
CA ARG E 128 -4.53 -5.74 -13.73
C ARG E 128 -3.40 -4.78 -14.05
N ARG E 129 -3.32 -4.38 -15.31
CA ARG E 129 -2.32 -3.41 -15.71
C ARG E 129 -2.49 -2.17 -14.87
N ILE E 130 -3.72 -1.70 -14.74
CA ILE E 130 -3.97 -0.42 -14.09
C ILE E 130 -3.88 -0.52 -12.57
N ARG E 131 -4.29 -1.67 -12.05
CA ARG E 131 -4.06 -2.01 -10.65
C ARG E 131 -2.58 -1.98 -10.36
N GLY E 132 -1.77 -2.30 -11.36
CA GLY E 132 -0.33 -2.38 -11.18
C GLY E 132 0.11 -3.77 -10.73
N GLU E 133 -0.77 -4.76 -10.91
CA GLU E 133 -0.47 -6.13 -10.58
C GLU E 133 0.48 -6.69 -11.64
N ARG E 134 -0.05 -6.89 -12.83
CA ARG E 134 0.74 -7.16 -14.01
C ARG E 134 1.56 -5.88 -14.38
N ALA E 135 2.64 -6.12 -15.13
CA ALA E 135 3.49 -5.09 -15.74
C ALA E 135 2.65 -4.11 -16.55
N ASN F 25 -4.79 -30.84 -12.98
CA ASN F 25 -4.69 -30.36 -11.57
C ASN F 25 -5.17 -28.90 -11.39
N ILE F 26 -4.46 -27.95 -12.01
CA ILE F 26 -4.95 -26.58 -12.09
C ILE F 26 -6.28 -26.60 -12.80
N GLN F 27 -6.32 -27.23 -13.98
CA GLN F 27 -7.54 -27.35 -14.79
C GLN F 27 -8.68 -27.97 -13.98
N GLY F 28 -8.37 -28.34 -12.74
CA GLY F 28 -9.38 -28.75 -11.75
C GLY F 28 -10.21 -27.58 -11.23
N ILE F 29 -9.78 -26.37 -11.58
CA ILE F 29 -10.57 -25.17 -11.31
C ILE F 29 -11.63 -25.15 -12.42
N THR F 30 -12.79 -25.68 -12.08
CA THR F 30 -13.82 -25.98 -13.07
C THR F 30 -14.41 -24.71 -13.68
N LYS F 31 -14.67 -24.77 -14.99
CA LYS F 31 -15.41 -23.72 -15.70
C LYS F 31 -16.63 -23.23 -14.89
N PRO F 32 -17.53 -24.14 -14.46
CA PRO F 32 -18.69 -23.66 -13.69
C PRO F 32 -18.32 -22.86 -12.44
N ALA F 33 -17.25 -23.27 -11.76
CA ALA F 33 -16.79 -22.58 -10.56
C ALA F 33 -16.39 -21.14 -10.90
N ILE F 34 -15.56 -21.01 -11.93
CA ILE F 34 -15.16 -19.72 -12.48
C ILE F 34 -16.38 -18.90 -12.91
N ARG F 35 -17.40 -19.58 -13.42
CA ARG F 35 -18.62 -18.91 -13.86
C ARG F 35 -19.30 -18.30 -12.65
N ARG F 36 -19.41 -19.08 -11.57
CA ARG F 36 -20.04 -18.63 -10.34
C ARG F 36 -19.36 -17.38 -9.77
N LEU F 37 -18.02 -17.39 -9.76
CA LEU F 37 -17.25 -16.30 -9.20
C LEU F 37 -17.52 -15.02 -9.96
N ALA F 38 -17.50 -15.11 -11.29
CA ALA F 38 -17.80 -13.98 -12.12
C ALA F 38 -19.24 -13.48 -11.90
N ARG F 39 -20.16 -14.39 -11.57
CA ARG F 39 -21.54 -13.99 -11.29
C ARG F 39 -21.62 -13.16 -10.01
N ARG F 40 -20.98 -13.64 -8.95
CA ARG F 40 -20.82 -12.87 -7.71
C ARG F 40 -20.02 -11.60 -8.02
N GLY F 41 -19.25 -11.67 -9.11
CA GLY F 41 -18.47 -10.54 -9.60
C GLY F 41 -19.31 -9.48 -10.29
N GLY F 42 -20.54 -9.83 -10.64
CA GLY F 42 -21.45 -8.91 -11.35
C GLY F 42 -21.44 -9.10 -12.86
N VAL F 43 -20.65 -10.07 -13.31
CA VAL F 43 -20.40 -10.37 -14.72
C VAL F 43 -21.53 -11.17 -15.38
N LYS F 44 -21.99 -10.71 -16.54
CA LYS F 44 -23.14 -11.34 -17.20
C LYS F 44 -22.79 -12.32 -18.32
N ARG F 45 -21.89 -11.90 -19.22
CA ARG F 45 -21.54 -12.72 -20.37
C ARG F 45 -20.04 -13.05 -20.37
N ILE F 46 -19.71 -14.32 -20.62
CA ILE F 46 -18.32 -14.77 -20.52
C ILE F 46 -17.75 -15.42 -21.78
N SER F 47 -16.72 -14.78 -22.35
CA SER F 47 -15.92 -15.36 -23.44
C SER F 47 -15.27 -16.67 -23.02
N GLY F 48 -14.85 -17.47 -23.99
CA GLY F 48 -14.27 -18.78 -23.72
C GLY F 48 -12.88 -18.76 -23.15
N LEU F 49 -12.06 -17.80 -23.59
CA LEU F 49 -10.65 -17.79 -23.21
C LEU F 49 -10.42 -17.21 -21.81
N ILE F 50 -11.42 -16.49 -21.29
CA ILE F 50 -11.46 -16.08 -19.90
C ILE F 50 -11.01 -17.19 -18.97
N TYR F 51 -11.70 -18.34 -19.05
CA TYR F 51 -11.50 -19.47 -18.14
C TYR F 51 -10.03 -19.79 -17.90
N GLU F 52 -9.28 -19.97 -18.99
CA GLU F 52 -7.84 -20.18 -18.91
C GLU F 52 -7.12 -18.97 -18.35
N GLU F 53 -7.56 -17.77 -18.74
CA GLU F 53 -6.92 -16.55 -18.25
C GLU F 53 -7.09 -16.42 -16.74
N THR F 54 -8.30 -16.65 -16.28
CA THR F 54 -8.60 -16.74 -14.86
C THR F 54 -7.58 -17.62 -14.16
N ARG F 55 -7.23 -18.74 -14.80
CA ARG F 55 -6.38 -19.75 -14.19
C ARG F 55 -4.97 -19.29 -13.96
N GLY F 56 -4.32 -18.79 -14.99
CA GLY F 56 -2.98 -18.21 -14.84
C GLY F 56 -2.96 -17.15 -13.76
N VAL F 57 -3.95 -16.27 -13.84
CA VAL F 57 -4.20 -15.23 -12.85
C VAL F 57 -4.28 -15.77 -11.42
N LEU F 58 -5.10 -16.81 -11.22
CA LEU F 58 -5.29 -17.39 -9.89
C LEU F 58 -4.01 -18.05 -9.41
N LYS F 59 -3.33 -18.72 -10.33
CA LYS F 59 -2.07 -19.38 -10.05
C LYS F 59 -1.08 -18.33 -9.52
N VAL F 60 -0.89 -17.26 -10.28
CA VAL F 60 0.03 -16.17 -9.93
C VAL F 60 -0.26 -15.67 -8.52
N PHE F 61 -1.55 -15.55 -8.21
CA PHE F 61 -1.99 -15.07 -6.92
C PHE F 61 -1.53 -15.99 -5.79
N LEU F 62 -1.88 -17.25 -5.89
CA LEU F 62 -1.47 -18.22 -4.89
C LEU F 62 0.04 -18.33 -4.78
N GLU F 63 0.73 -18.43 -5.91
CA GLU F 63 2.16 -18.58 -5.85
C GLU F 63 2.70 -17.48 -4.96
N ASN F 64 2.46 -16.22 -5.33
CA ASN F 64 3.02 -15.10 -4.56
C ASN F 64 2.67 -15.22 -3.05
N VAL F 65 1.40 -15.49 -2.77
CA VAL F 65 0.92 -15.62 -1.40
C VAL F 65 1.54 -16.82 -0.68
N ILE F 66 1.70 -17.93 -1.40
CA ILE F 66 2.34 -19.10 -0.81
C ILE F 66 3.86 -18.98 -0.70
N ARG F 67 4.49 -18.29 -1.65
CA ARG F 67 5.92 -18.03 -1.56
C ARG F 67 6.24 -17.29 -0.26
N ASP F 68 5.54 -16.18 -0.05
CA ASP F 68 5.63 -15.41 1.18
C ASP F 68 5.25 -16.29 2.40
N ALA F 69 4.10 -16.97 2.31
CA ALA F 69 3.63 -17.85 3.39
C ALA F 69 4.72 -18.84 3.80
N VAL F 70 5.15 -19.65 2.85
CA VAL F 70 6.11 -20.69 3.14
C VAL F 70 7.33 -20.08 3.82
N THR F 71 7.87 -19.01 3.24
CA THR F 71 9.01 -18.31 3.83
C THR F 71 8.86 -18.12 5.33
N TYR F 72 7.65 -17.80 5.77
CA TYR F 72 7.37 -17.67 7.19
C TYR F 72 7.53 -19.02 7.88
N THR F 73 6.94 -20.07 7.30
CA THR F 73 7.08 -21.42 7.81
C THR F 73 8.56 -21.82 7.88
N GLU F 74 9.27 -21.72 6.76
CA GLU F 74 10.70 -22.03 6.73
C GLU F 74 11.43 -21.28 7.83
N HIS F 75 10.96 -20.07 8.18
CA HIS F 75 11.63 -19.26 9.18
C HIS F 75 11.18 -19.60 10.60
N ALA F 76 10.02 -20.26 10.70
CA ALA F 76 9.49 -20.74 11.97
C ALA F 76 9.95 -22.17 12.20
N LYS F 77 10.82 -22.66 11.31
CA LYS F 77 11.34 -24.01 11.35
C LYS F 77 10.20 -25.03 11.56
N ARG F 78 9.17 -24.94 10.73
CA ARG F 78 8.05 -25.85 10.84
C ARG F 78 7.80 -26.59 9.53
N LYS F 79 7.34 -27.83 9.65
CA LYS F 79 6.96 -28.62 8.48
C LYS F 79 5.48 -28.41 8.18
N THR F 80 4.83 -27.58 8.99
CA THR F 80 3.40 -27.31 8.82
C THR F 80 3.09 -25.82 8.70
N VAL F 81 2.85 -25.38 7.46
CA VAL F 81 2.31 -24.05 7.17
C VAL F 81 1.03 -23.80 7.96
N THR F 82 1.02 -22.71 8.71
CA THR F 82 -0.11 -22.37 9.60
C THR F 82 -1.07 -21.42 8.90
N ALA F 83 -2.09 -20.96 9.63
CA ALA F 83 -2.96 -19.92 9.12
C ALA F 83 -2.24 -18.56 9.24
N MET F 84 -1.48 -18.41 10.31
CA MET F 84 -0.84 -17.15 10.61
C MET F 84 0.24 -16.76 9.60
N ASP F 85 0.88 -17.76 9.00
CA ASP F 85 1.80 -17.52 7.91
C ASP F 85 1.03 -16.96 6.73
N VAL F 86 -0.04 -17.66 6.34
CA VAL F 86 -0.95 -17.17 5.32
C VAL F 86 -1.35 -15.74 5.66
N VAL F 87 -2.11 -15.56 6.74
CA VAL F 87 -2.49 -14.23 7.21
C VAL F 87 -1.33 -13.21 7.10
N TYR F 88 -0.14 -13.58 7.51
CA TYR F 88 0.97 -12.63 7.43
C TYR F 88 1.34 -12.33 5.99
N ALA F 89 1.17 -13.33 5.13
CA ALA F 89 1.53 -13.17 3.74
C ALA F 89 0.60 -12.16 3.09
N LEU F 90 -0.70 -12.34 3.34
CA LEU F 90 -1.71 -11.48 2.78
C LEU F 90 -1.48 -10.03 3.21
N LYS F 91 -1.07 -9.82 4.46
CA LYS F 91 -0.76 -8.48 4.94
C LYS F 91 0.39 -7.88 4.13
N ARG F 92 1.52 -8.57 4.12
CA ARG F 92 2.64 -8.24 3.25
C ARG F 92 2.18 -7.73 1.89
N GLN F 93 1.22 -8.44 1.30
CA GLN F 93 0.82 -8.22 -0.08
C GLN F 93 -0.35 -7.24 -0.21
N GLY F 94 -0.76 -6.67 0.92
CA GLY F 94 -1.81 -5.68 0.87
C GLY F 94 -3.17 -6.26 0.58
N ARG F 95 -3.37 -7.50 1.00
CA ARG F 95 -4.64 -8.19 0.84
C ARG F 95 -5.13 -8.77 2.18
N THR F 96 -5.03 -7.95 3.22
CA THR F 96 -5.37 -8.31 4.61
C THR F 96 -6.67 -9.08 4.74
N LEU F 97 -6.66 -10.17 5.50
CA LEU F 97 -7.86 -10.98 5.71
C LEU F 97 -8.21 -11.20 7.19
N TYR F 98 -9.49 -11.11 7.49
CA TYR F 98 -9.99 -11.16 8.85
C TYR F 98 -10.65 -12.50 9.17
N GLY F 99 -10.40 -13.01 10.37
CA GLY F 99 -11.12 -14.16 10.85
C GLY F 99 -10.32 -15.44 10.82
N PHE F 100 -9.01 -15.32 10.98
CA PHE F 100 -8.16 -16.48 11.11
C PHE F 100 -7.07 -16.16 12.13
N GLY F 101 -7.46 -15.44 13.17
CA GLY F 101 -6.52 -14.97 14.18
C GLY F 101 -5.78 -13.78 13.59
N GLY F 102 -6.33 -12.58 13.78
CA GLY F 102 -5.77 -11.36 13.22
C GLY F 102 -4.53 -10.93 13.99
N ALA G 14 42.46 -4.91 11.31
CA ALA G 14 41.77 -3.59 11.20
C ALA G 14 40.76 -3.34 12.35
N LYS G 15 40.54 -2.06 12.67
CA LYS G 15 39.57 -1.68 13.71
C LYS G 15 38.14 -1.71 13.17
N THR G 16 37.83 -0.80 12.24
CA THR G 16 36.51 -0.73 11.57
C THR G 16 35.88 -2.11 11.34
N ARG G 17 34.68 -2.31 11.90
CA ARG G 17 33.92 -3.56 11.72
C ARG G 17 33.61 -3.79 10.26
N SER G 18 33.61 -2.69 9.50
CA SER G 18 33.41 -2.73 8.07
C SER G 18 34.53 -3.52 7.44
N SER G 19 35.76 -3.25 7.89
CA SER G 19 36.92 -3.94 7.33
C SER G 19 36.97 -5.42 7.70
N ARG G 20 36.67 -5.76 8.95
CA ARG G 20 36.47 -7.16 9.32
C ARG G 20 35.52 -7.85 8.36
N ALA G 21 34.43 -7.15 8.04
CA ALA G 21 33.41 -7.65 7.15
C ALA G 21 33.82 -7.51 5.69
N GLY G 22 34.89 -6.76 5.43
CA GLY G 22 35.30 -6.48 4.06
C GLY G 22 34.20 -5.76 3.31
N LEU G 23 33.84 -4.59 3.84
CA LEU G 23 32.74 -3.79 3.32
C LEU G 23 33.03 -2.30 3.32
N GLN G 24 32.29 -1.61 2.46
CA GLN G 24 32.31 -0.15 2.38
C GLN G 24 31.33 0.49 3.36
N PHE G 25 30.18 -0.13 3.58
CA PHE G 25 29.15 0.47 4.41
C PHE G 25 29.50 0.45 5.90
N PRO G 26 29.15 1.52 6.63
CA PRO G 26 29.55 1.62 8.03
C PRO G 26 28.69 0.74 8.97
N VAL G 27 29.18 -0.47 9.24
CA VAL G 27 28.49 -1.47 10.07
C VAL G 27 28.14 -0.93 11.46
N GLY G 28 28.94 0.02 11.94
CA GLY G 28 28.68 0.68 13.22
C GLY G 28 27.42 1.53 13.16
N ARG G 29 27.27 2.26 12.05
CA ARG G 29 26.09 3.11 11.82
C ARG G 29 24.82 2.25 11.71
N VAL G 30 24.91 1.17 10.96
CA VAL G 30 23.77 0.28 10.79
C VAL G 30 23.41 -0.38 12.11
N HIS G 31 24.36 -0.45 13.04
CA HIS G 31 24.11 -1.06 14.34
C HIS G 31 23.43 -0.03 15.23
N ARG G 32 23.93 1.21 15.18
CA ARG G 32 23.32 2.26 15.98
C ARG G 32 21.87 2.42 15.57
N LEU G 33 21.60 2.59 14.28
CA LEU G 33 20.25 2.82 13.80
C LEU G 33 19.31 1.68 14.18
N LEU G 34 19.72 0.44 13.92
CA LEU G 34 18.88 -0.70 14.31
C LEU G 34 18.41 -0.68 15.76
N ARG G 35 19.23 -0.10 16.65
CA ARG G 35 18.88 -0.04 18.07
C ARG G 35 18.00 1.17 18.41
N LYS G 36 18.44 2.35 17.99
CA LYS G 36 17.65 3.57 18.12
C LYS G 36 16.51 3.55 17.08
N GLY G 37 15.79 2.44 17.00
CA GLY G 37 14.79 2.25 15.96
C GLY G 37 13.65 1.36 16.37
N ASN G 38 13.76 0.75 17.55
CA ASN G 38 12.62 0.07 18.14
C ASN G 38 12.08 -0.98 17.18
N TYR G 39 12.96 -1.89 16.76
CA TYR G 39 12.58 -3.02 15.91
C TYR G 39 12.53 -4.26 16.79
N ALA G 40 13.38 -4.25 17.82
CA ALA G 40 13.41 -5.29 18.84
C ALA G 40 14.19 -4.83 20.06
N GLU G 41 13.88 -5.47 21.19
CA GLU G 41 14.67 -5.33 22.40
C GLU G 41 16.15 -5.31 22.05
N ARG G 42 16.59 -6.42 21.49
CA ARG G 42 18.00 -6.66 21.29
C ARG G 42 18.30 -6.86 19.80
N VAL G 43 19.57 -6.70 19.45
CA VAL G 43 20.02 -6.88 18.09
C VAL G 43 21.21 -7.82 18.07
N GLY G 44 21.18 -8.81 17.20
CA GLY G 44 22.35 -9.67 16.95
C GLY G 44 23.56 -8.87 16.51
N ALA G 45 24.66 -9.55 16.24
CA ALA G 45 25.86 -8.84 15.78
C ALA G 45 26.11 -9.06 14.31
N GLY G 46 25.46 -10.07 13.74
CA GLY G 46 25.59 -10.37 12.32
C GLY G 46 24.53 -9.69 11.46
N ALA G 47 23.43 -9.33 12.10
CA ALA G 47 22.34 -8.63 11.43
C ALA G 47 22.74 -7.27 10.83
N PRO G 48 23.46 -6.41 11.57
CA PRO G 48 23.99 -5.16 10.96
C PRO G 48 24.88 -5.46 9.78
N VAL G 49 25.79 -6.41 9.96
CA VAL G 49 26.76 -6.80 8.94
C VAL G 49 26.03 -7.16 7.68
N TYR G 50 25.13 -8.13 7.80
CA TYR G 50 24.29 -8.60 6.71
C TYR G 50 23.62 -7.41 6.04
N LEU G 51 22.75 -6.73 6.79
CA LEU G 51 22.11 -5.54 6.29
C LEU G 51 23.08 -4.50 5.66
N ALA G 52 24.22 -4.23 6.27
CA ALA G 52 25.12 -3.19 5.72
C ALA G 52 25.63 -3.63 4.35
N ALA G 53 25.77 -4.94 4.22
CA ALA G 53 26.26 -5.58 3.00
C ALA G 53 25.19 -5.61 1.92
N VAL G 54 23.96 -5.89 2.33
CA VAL G 54 22.84 -5.90 1.39
C VAL G 54 22.62 -4.50 0.88
N LEU G 55 22.60 -3.52 1.78
CA LEU G 55 22.56 -2.13 1.35
C LEU G 55 23.65 -1.86 0.29
N GLU G 56 24.87 -2.34 0.52
CA GLU G 56 26.00 -2.19 -0.42
C GLU G 56 25.76 -2.84 -1.77
N TYR G 57 25.24 -4.07 -1.74
CA TYR G 57 24.95 -4.77 -2.98
C TYR G 57 24.12 -3.85 -3.84
N LEU G 58 22.96 -3.44 -3.30
CA LEU G 58 21.97 -2.65 -4.02
C LEU G 58 22.46 -1.28 -4.50
N THR G 59 23.13 -0.49 -3.66
CA THR G 59 23.65 0.79 -4.15
C THR G 59 24.60 0.56 -5.31
N ALA G 60 25.40 -0.51 -5.23
CA ALA G 60 26.26 -0.93 -6.33
C ALA G 60 25.45 -1.34 -7.58
N GLU G 61 24.56 -2.31 -7.43
CA GLU G 61 23.66 -2.73 -8.50
C GLU G 61 23.00 -1.57 -9.24
N ILE G 62 22.77 -0.44 -8.57
CA ILE G 62 22.07 0.70 -9.18
C ILE G 62 23.03 1.67 -9.79
N LEU G 63 24.08 2.00 -9.05
CA LEU G 63 25.15 2.86 -9.55
C LEU G 63 25.79 2.27 -10.82
N GLU G 64 25.72 0.96 -10.97
CA GLU G 64 26.27 0.31 -12.16
C GLU G 64 25.42 0.71 -13.34
N LEU G 65 24.11 0.56 -13.20
CA LEU G 65 23.17 0.90 -14.27
C LEU G 65 22.97 2.40 -14.52
N ALA G 66 23.10 3.21 -13.47
CA ALA G 66 23.00 4.65 -13.63
C ALA G 66 24.16 5.20 -14.45
N GLY G 67 25.38 4.85 -14.05
CA GLY G 67 26.61 5.19 -14.78
C GLY G 67 26.62 4.78 -16.25
N ASN G 68 26.10 3.61 -16.53
CA ASN G 68 25.91 3.21 -17.91
C ASN G 68 24.91 4.12 -18.57
N ALA G 69 23.86 4.47 -17.81
CA ALA G 69 22.83 5.35 -18.33
C ALA G 69 23.46 6.69 -18.60
N ALA G 70 24.42 7.07 -17.76
CA ALA G 70 25.05 8.37 -17.86
C ALA G 70 25.90 8.38 -19.11
N ARG G 71 26.65 7.28 -19.31
CA ARG G 71 27.62 7.13 -20.39
C ARG G 71 26.99 7.34 -21.77
N ASP G 72 25.85 6.68 -22.00
CA ASP G 72 25.13 6.81 -23.26
C ASP G 72 24.68 8.26 -23.46
N ASN G 73 24.20 8.89 -22.38
CA ASN G 73 23.83 10.30 -22.49
C ASN G 73 25.09 11.22 -22.41
N LYS G 74 26.25 10.65 -22.76
CA LYS G 74 27.56 11.33 -22.81
C LYS G 74 28.01 12.05 -21.53
N LYS G 75 27.75 11.49 -20.35
CA LYS G 75 28.01 12.30 -19.17
C LYS G 75 28.91 11.71 -18.08
N THR G 76 29.74 12.61 -17.55
CA THR G 76 30.68 12.40 -16.44
C THR G 76 29.99 12.23 -15.09
N ARG G 77 28.72 12.63 -14.99
CA ARG G 77 28.09 12.79 -13.69
C ARG G 77 26.67 12.30 -13.71
N ILE G 78 26.38 11.35 -12.81
CA ILE G 78 25.04 10.75 -12.64
C ILE G 78 24.03 11.73 -12.04
N ILE G 79 23.07 12.16 -12.83
CA ILE G 79 21.95 12.99 -12.42
C ILE G 79 20.65 12.11 -12.40
N PRO G 80 19.61 12.48 -11.65
CA PRO G 80 18.45 11.58 -11.47
C PRO G 80 17.86 10.91 -12.73
N ARG G 81 17.68 11.63 -13.84
CA ARG G 81 17.25 10.97 -15.07
C ARG G 81 18.03 9.68 -15.22
N HIS G 82 19.33 9.76 -14.94
CA HIS G 82 20.18 8.58 -15.05
C HIS G 82 19.80 7.52 -14.03
N LEU G 83 19.33 7.91 -12.85
CA LEU G 83 18.93 6.88 -11.90
C LEU G 83 17.61 6.28 -12.39
N GLN G 84 16.73 7.17 -12.85
CA GLN G 84 15.44 6.81 -13.35
C GLN G 84 15.50 5.83 -14.52
N LEU G 85 16.12 6.26 -15.62
CA LEU G 85 16.45 5.34 -16.72
C LEU G 85 16.97 4.00 -16.20
N ALA G 86 17.95 4.06 -15.30
CA ALA G 86 18.45 2.87 -14.65
C ALA G 86 17.30 2.00 -14.07
N VAL G 87 16.48 2.57 -13.17
CA VAL G 87 15.46 1.85 -12.45
C VAL G 87 14.34 1.20 -13.28
N ARG G 88 13.77 1.95 -14.24
CA ARG G 88 12.60 1.46 -14.95
C ARG G 88 12.97 0.58 -16.12
N ASN G 89 14.24 0.54 -16.48
CA ASN G 89 14.71 -0.42 -17.49
C ASN G 89 15.05 -1.80 -16.92
N ASP G 90 15.32 -1.86 -15.61
CA ASP G 90 15.55 -3.12 -14.95
C ASP G 90 14.26 -3.71 -14.38
N GLU G 91 13.73 -4.75 -15.00
CA GLU G 91 12.48 -5.32 -14.52
C GLU G 91 12.47 -5.34 -13.00
N GLU G 92 13.52 -5.90 -12.39
CA GLU G 92 13.58 -6.14 -10.94
C GLU G 92 13.71 -4.92 -10.02
N LEU G 93 14.69 -4.05 -10.29
CA LEU G 93 14.82 -2.78 -9.55
C LEU G 93 13.53 -2.02 -9.65
N ASN G 94 13.01 -1.94 -10.88
CA ASN G 94 11.75 -1.25 -11.16
C ASN G 94 10.60 -1.71 -10.28
N LYS G 95 10.62 -2.98 -9.87
CA LYS G 95 9.51 -3.56 -9.09
C LYS G 95 9.74 -3.21 -7.65
N LEU G 96 10.97 -3.43 -7.19
CA LEU G 96 11.37 -2.92 -5.86
C LEU G 96 10.97 -1.46 -5.66
N LEU G 97 11.12 -0.64 -6.70
CA LEU G 97 10.73 0.77 -6.58
C LEU G 97 9.46 1.07 -7.38
N GLY G 98 8.56 0.10 -7.37
CA GLY G 98 7.35 0.20 -8.12
C GLY G 98 6.44 1.26 -7.59
N ARG G 99 6.57 1.63 -6.31
CA ARG G 99 5.83 2.78 -5.77
C ARG G 99 6.70 4.03 -5.41
N VAL G 100 7.69 4.38 -6.22
CA VAL G 100 8.59 5.47 -5.77
C VAL G 100 8.89 6.58 -6.80
N THR G 101 8.49 7.80 -6.49
CA THR G 101 8.86 8.88 -7.41
C THR G 101 10.30 9.27 -7.18
N ILE G 102 11.12 9.15 -8.21
CA ILE G 102 12.39 9.86 -8.17
C ILE G 102 12.24 11.30 -8.63
N ALA G 103 12.37 12.26 -7.72
CA ALA G 103 12.50 13.71 -8.15
C ALA G 103 13.33 13.89 -9.46
N GLN G 104 12.84 14.65 -10.43
CA GLN G 104 13.57 14.83 -11.71
C GLN G 104 13.80 13.54 -12.57
N GLY G 105 13.29 12.41 -12.12
CA GLY G 105 13.24 11.20 -12.95
C GLY G 105 12.63 11.22 -14.36
N GLY G 106 11.63 12.05 -14.63
CA GLY G 106 11.01 12.04 -15.95
C GLY G 106 10.33 10.69 -16.15
N VAL G 107 9.94 10.36 -17.38
CA VAL G 107 9.37 9.03 -17.68
C VAL G 107 10.14 8.35 -18.83
N LEU G 108 9.96 7.03 -19.00
CA LEU G 108 10.59 6.32 -20.15
C LEU G 108 9.91 6.63 -21.47
N PRO G 109 10.71 6.89 -22.53
CA PRO G 109 10.13 7.15 -23.84
C PRO G 109 9.45 5.90 -24.37
N ASN G 110 8.13 5.95 -24.40
CA ASN G 110 7.27 4.88 -24.85
C ASN G 110 6.00 5.57 -25.39
N ILE G 111 5.76 5.39 -26.70
CA ILE G 111 4.58 5.93 -27.38
C ILE G 111 3.75 4.78 -27.88
N GLN G 112 2.47 4.78 -27.54
CA GLN G 112 1.57 3.69 -27.90
C GLN G 112 1.46 3.57 -29.40
N SER G 113 1.33 2.33 -29.88
CA SER G 113 1.25 2.01 -31.31
C SER G 113 0.18 2.78 -32.06
N VAL G 114 -1.07 2.56 -31.68
CA VAL G 114 -2.25 3.12 -32.34
C VAL G 114 -2.22 4.65 -32.50
N LEU G 115 -1.24 5.30 -31.90
CA LEU G 115 -1.08 6.76 -32.00
C LEU G 115 -0.07 7.15 -33.09
N LEU G 116 0.61 6.14 -33.65
CA LEU G 116 1.60 6.32 -34.71
C LEU G 116 0.94 6.32 -36.09
N PRO G 117 1.38 7.25 -36.97
CA PRO G 117 0.93 7.29 -38.38
C PRO G 117 1.27 6.00 -39.14
N LYS G 118 0.41 5.62 -40.08
CA LYS G 118 0.53 4.33 -40.78
C LYS G 118 1.15 4.44 -42.18
N THR H 32 25.30 22.31 12.22
CA THR H 32 25.23 20.98 12.91
C THR H 32 25.49 19.80 11.96
N ARG H 33 25.76 18.63 12.54
CA ARG H 33 26.02 17.42 11.77
C ARG H 33 24.74 16.87 11.13
N LYS H 34 24.72 16.81 9.81
CA LYS H 34 23.75 16.02 9.10
C LYS H 34 24.47 14.78 8.57
N GLU H 35 24.22 13.64 9.22
CA GLU H 35 24.78 12.38 8.74
C GLU H 35 24.16 11.96 7.42
N SER H 36 24.89 11.16 6.66
CA SER H 36 24.56 10.84 5.28
C SER H 36 25.42 9.67 4.82
N TYR H 37 24.88 8.91 3.86
CA TYR H 37 25.60 7.85 3.19
C TYR H 37 26.38 8.39 1.99
N ALA H 38 26.70 9.68 2.01
CA ALA H 38 27.33 10.30 0.84
C ALA H 38 28.74 9.78 0.57
N ILE H 39 29.44 9.33 1.61
CA ILE H 39 30.82 8.92 1.43
C ILE H 39 30.87 7.50 0.89
N TYR H 40 30.07 6.63 1.50
CA TYR H 40 29.97 5.24 1.09
C TYR H 40 29.42 5.17 -0.33
N VAL H 41 28.33 5.89 -0.60
CA VAL H 41 27.82 5.86 -1.95
C VAL H 41 28.93 6.27 -2.92
N TYR H 42 29.68 7.32 -2.58
CA TYR H 42 30.82 7.69 -3.40
C TYR H 42 31.78 6.50 -3.54
N LYS H 43 32.23 5.98 -2.40
CA LYS H 43 33.19 4.90 -2.40
C LYS H 43 32.81 3.87 -3.43
N VAL H 44 31.62 3.29 -3.27
CA VAL H 44 31.09 2.24 -4.15
C VAL H 44 30.99 2.68 -5.62
N LEU H 45 30.48 3.89 -5.88
CA LEU H 45 30.54 4.44 -7.24
C LEU H 45 31.97 4.40 -7.77
N LYS H 46 32.92 4.87 -6.97
CA LYS H 46 34.30 4.96 -7.49
C LYS H 46 34.89 3.58 -7.73
N GLN H 47 34.47 2.63 -6.90
CA GLN H 47 34.71 1.22 -7.19
C GLN H 47 34.10 0.72 -8.49
N VAL H 48 33.02 1.31 -8.96
CA VAL H 48 32.25 0.66 -10.04
C VAL H 48 32.30 1.41 -11.34
N HIS H 49 32.31 2.73 -11.25
CA HIS H 49 32.52 3.57 -12.42
C HIS H 49 33.55 4.67 -12.13
N PRO H 50 34.83 4.28 -11.97
CA PRO H 50 35.95 5.12 -11.50
C PRO H 50 36.14 6.51 -12.10
N ASP H 51 35.60 6.83 -13.26
CA ASP H 51 35.72 8.23 -13.74
C ASP H 51 34.36 8.91 -13.80
N THR H 52 33.55 8.73 -12.75
CA THR H 52 32.19 9.23 -12.81
C THR H 52 31.73 9.92 -11.55
N GLY H 53 31.16 11.11 -11.75
CA GLY H 53 30.68 11.93 -10.64
C GLY H 53 29.19 11.81 -10.42
N ILE H 54 28.74 12.30 -9.27
CA ILE H 54 27.33 12.28 -8.95
C ILE H 54 26.92 13.68 -8.52
N SER H 55 25.74 14.10 -8.95
CA SER H 55 25.19 15.44 -8.65
C SER H 55 24.57 15.50 -7.29
N SER H 56 24.52 16.71 -6.75
CA SER H 56 23.83 17.00 -5.49
C SER H 56 22.48 16.28 -5.33
N LYS H 57 21.61 16.38 -6.36
CA LYS H 57 20.29 15.77 -6.35
C LYS H 57 20.35 14.26 -6.41
N ALA H 58 21.08 13.73 -7.38
CA ALA H 58 21.33 12.31 -7.50
C ALA H 58 21.83 11.73 -6.17
N MET H 59 22.84 12.36 -5.59
CA MET H 59 23.31 11.87 -4.30
C MET H 59 22.12 11.80 -3.39
N SER H 60 21.42 12.93 -3.27
CA SER H 60 20.28 13.05 -2.40
C SER H 60 19.33 11.86 -2.63
N ILE H 61 18.95 11.64 -3.88
CA ILE H 61 18.11 10.51 -4.27
C ILE H 61 18.67 9.22 -3.73
N MET H 62 19.82 8.77 -4.24
CA MET H 62 20.57 7.68 -3.62
C MET H 62 20.36 7.64 -2.10
N ASN H 63 20.72 8.74 -1.44
CA ASN H 63 20.60 8.81 0.01
C ASN H 63 19.25 8.35 0.52
N SER H 64 18.18 8.64 -0.22
CA SER H 64 16.85 8.22 0.20
C SER H 64 16.69 6.73 0.01
N PHE H 65 17.15 6.26 -1.13
CA PHE H 65 16.99 4.87 -1.51
C PHE H 65 17.55 3.97 -0.39
N VAL H 66 18.74 4.32 0.09
CA VAL H 66 19.35 3.52 1.16
C VAL H 66 18.45 3.49 2.40
N ASN H 67 18.02 4.69 2.83
CA ASN H 67 17.11 4.77 3.97
C ASN H 67 15.76 3.98 3.79
N ASP H 68 15.24 3.91 2.56
CA ASP H 68 13.95 3.30 2.31
C ASP H 68 14.06 1.80 2.53
N VAL H 69 15.02 1.21 1.81
CA VAL H 69 15.35 -0.21 1.90
C VAL H 69 15.78 -0.60 3.30
N PHE H 70 16.57 0.26 3.97
CA PHE H 70 16.83 0.05 5.39
C PHE H 70 15.55 -0.19 6.21
N GLU H 71 14.62 0.77 6.21
CA GLU H 71 13.40 0.61 6.99
C GLU H 71 12.66 -0.61 6.53
N ARG H 72 12.63 -0.83 5.22
CA ARG H 72 11.78 -1.85 4.66
C ARG H 72 12.21 -3.21 5.19
N ILE H 73 13.51 -3.49 5.01
CA ILE H 73 14.14 -4.65 5.61
C ILE H 73 13.96 -4.65 7.12
N ALA H 74 14.49 -3.61 7.77
CA ALA H 74 14.48 -3.53 9.22
C ALA H 74 13.10 -3.84 9.79
N GLY H 75 12.08 -3.13 9.30
CA GLY H 75 10.71 -3.34 9.72
C GLY H 75 10.24 -4.78 9.56
N GLU H 76 10.52 -5.36 8.40
CA GLU H 76 9.98 -6.68 8.08
C GLU H 76 10.69 -7.75 8.92
N ALA H 77 11.92 -7.46 9.32
CA ALA H 77 12.65 -8.33 10.25
C ALA H 77 12.02 -8.24 11.63
N SER H 78 11.72 -7.00 12.02
CA SER H 78 11.03 -6.68 13.26
C SER H 78 9.69 -7.42 13.43
N ARG H 79 8.88 -7.43 12.37
CA ARG H 79 7.68 -8.27 12.34
C ARG H 79 8.02 -9.73 12.58
N LEU H 80 9.10 -10.21 11.96
CA LEU H 80 9.49 -11.64 12.05
C LEU H 80 9.90 -12.10 13.45
N ALA H 81 10.73 -11.28 14.12
CA ALA H 81 10.99 -11.51 15.52
C ALA H 81 9.67 -11.63 16.26
N HIS H 82 8.84 -10.58 16.15
CA HIS H 82 7.55 -10.51 16.85
C HIS H 82 6.67 -11.73 16.62
N TYR H 83 6.52 -12.11 15.36
CA TYR H 83 5.60 -13.17 14.98
C TYR H 83 5.97 -14.46 15.64
N ASN H 84 7.26 -14.62 15.89
CA ASN H 84 7.82 -15.85 16.44
C ASN H 84 8.20 -15.71 17.90
N LYS H 85 7.35 -15.04 18.67
CA LYS H 85 7.65 -14.60 20.02
C LYS H 85 9.16 -14.51 20.34
N ARG H 86 9.84 -13.54 19.72
CA ARG H 86 11.30 -13.47 19.83
C ARG H 86 11.81 -12.03 20.03
N SER H 87 12.84 -11.87 20.86
CA SER H 87 13.23 -10.56 21.38
C SER H 87 14.35 -9.86 20.62
N THR H 88 14.86 -10.54 19.59
CA THR H 88 16.10 -10.09 18.98
C THR H 88 16.15 -10.32 17.47
N ILE H 89 16.69 -9.33 16.76
CA ILE H 89 16.85 -9.37 15.32
C ILE H 89 18.27 -9.79 14.98
N THR H 90 18.42 -11.05 14.53
CA THR H 90 19.71 -11.56 14.05
C THR H 90 19.67 -11.74 12.56
N SER H 91 20.84 -11.73 11.94
CA SER H 91 20.96 -11.88 10.50
C SER H 91 20.09 -12.96 9.86
N ARG H 92 19.64 -13.95 10.64
CA ARG H 92 18.67 -14.90 10.12
C ARG H 92 17.38 -14.16 9.75
N GLU H 93 16.88 -13.33 10.68
CA GLU H 93 15.77 -12.38 10.47
C GLU H 93 15.99 -11.49 9.27
N ILE H 94 17.09 -10.72 9.30
CA ILE H 94 17.51 -9.84 8.21
C ILE H 94 17.59 -10.59 6.90
N GLN H 95 18.08 -11.81 6.93
CA GLN H 95 18.02 -12.63 5.74
C GLN H 95 16.61 -12.93 5.29
N THR H 96 15.80 -13.55 6.14
CA THR H 96 14.49 -13.94 5.62
C THR H 96 13.64 -12.73 5.25
N ALA H 97 13.85 -11.62 5.98
CA ALA H 97 13.33 -10.30 5.59
C ALA H 97 13.65 -10.02 4.14
N VAL H 98 14.89 -10.27 3.77
CA VAL H 98 15.36 -10.00 2.43
C VAL H 98 14.65 -10.86 1.41
N ARG H 99 14.37 -12.12 1.80
CA ARG H 99 13.70 -13.04 0.90
C ARG H 99 12.24 -12.68 0.63
N LEU H 100 11.62 -11.94 1.56
CA LEU H 100 10.24 -11.49 1.37
C LEU H 100 10.17 -10.23 0.52
N LEU H 101 11.04 -9.29 0.86
CA LEU H 101 11.13 -7.96 0.25
C LEU H 101 11.58 -7.86 -1.20
N LEU H 102 12.66 -8.56 -1.54
CA LEU H 102 13.32 -8.37 -2.83
C LEU H 102 12.84 -9.35 -3.91
N PRO H 103 12.83 -8.89 -5.19
CA PRO H 103 12.60 -9.81 -6.31
C PRO H 103 13.82 -10.74 -6.53
N GLY H 104 13.54 -11.93 -7.08
CA GLY H 104 14.55 -13.00 -7.28
C GLY H 104 16.03 -12.67 -7.44
N GLU H 105 16.47 -12.45 -8.66
CA GLU H 105 17.89 -12.29 -8.90
C GLU H 105 18.54 -11.30 -7.92
N LEU H 106 17.82 -10.22 -7.65
CA LEU H 106 18.23 -9.26 -6.64
C LEU H 106 18.37 -9.94 -5.27
N ALA H 107 17.28 -10.55 -4.78
CA ALA H 107 17.27 -11.26 -3.49
C ALA H 107 18.40 -12.29 -3.38
N LYS H 108 18.47 -13.20 -4.35
CA LYS H 108 19.48 -14.27 -4.33
C LYS H 108 20.89 -13.71 -4.16
N HIS H 109 21.32 -12.88 -5.10
CA HIS H 109 22.62 -12.23 -5.00
C HIS H 109 22.83 -11.53 -3.65
N ALA H 110 21.90 -10.64 -3.30
CA ALA H 110 21.92 -9.95 -2.00
C ALA H 110 22.14 -10.90 -0.82
N VAL H 111 21.40 -12.02 -0.79
CA VAL H 111 21.57 -13.04 0.24
C VAL H 111 23.00 -13.56 0.26
N SER H 112 23.48 -14.04 -0.89
CA SER H 112 24.83 -14.62 -0.94
C SER H 112 25.80 -13.55 -0.43
N GLU H 113 25.76 -12.41 -1.11
CA GLU H 113 26.44 -11.19 -0.72
C GLU H 113 26.49 -10.91 0.78
N GLY H 114 25.33 -11.04 1.42
CA GLY H 114 25.22 -10.75 2.83
C GLY H 114 25.81 -11.81 3.73
N THR H 115 25.46 -13.08 3.48
CA THR H 115 25.88 -14.18 4.36
C THR H 115 27.38 -14.42 4.19
N LYS H 116 27.91 -13.91 3.08
CA LYS H 116 29.34 -13.88 2.86
C LYS H 116 30.00 -12.96 3.90
N ALA H 117 29.46 -11.76 4.08
CA ALA H 117 30.09 -10.76 4.97
C ALA H 117 30.02 -11.14 6.45
N VAL H 118 29.01 -11.95 6.80
CA VAL H 118 28.85 -12.53 8.14
C VAL H 118 30.03 -13.43 8.40
N THR H 119 30.04 -14.53 7.65
CA THR H 119 31.16 -15.44 7.60
C THR H 119 32.49 -14.69 7.73
N LYS H 120 32.77 -13.77 6.80
CA LYS H 120 34.02 -12.98 6.79
C LYS H 120 34.24 -12.27 8.11
N TYR H 121 33.20 -11.61 8.60
CA TYR H 121 33.20 -10.89 9.87
C TYR H 121 33.46 -11.75 11.12
N THR H 122 32.87 -12.95 11.16
CA THR H 122 33.16 -13.91 12.22
C THR H 122 34.67 -14.20 12.31
N SER H 123 35.25 -14.59 11.18
CA SER H 123 36.63 -15.09 11.12
C SER H 123 37.69 -14.05 11.53
N ALA H 124 37.45 -12.78 11.18
CA ALA H 124 38.40 -11.70 11.50
C ALA H 124 38.09 -11.04 12.83
MN MN K . -9.42 30.03 1.67
CL CL L . 0.54 9.97 28.16
CL CL M . 23.35 -11.79 14.42
MN MN N . -46.85 -4.18 -22.48
MN MN O . 16.79 17.27 26.00
MN MN P . 7.47 -37.52 16.27
MN MN Q . 10.62 35.95 17.50
MN MN R . 4.24 11.44 -54.31
#